data_9OFU
#
_entry.id   9OFU
#
_cell.length_a   1.00
_cell.length_b   1.00
_cell.length_c   1.00
_cell.angle_alpha   90.00
_cell.angle_beta   90.00
_cell.angle_gamma   90.00
#
_symmetry.space_group_name_H-M   'P 1'
#
loop_
_entity.id
_entity.type
_entity.pdbx_description
1 polymer 'Hypoxia-inducible factor 1-alpha'
2 polymer 'Aryl hydrocarbon receptor nuclear translocator'
3 polymer '52-nt Hypoxia Response Element (Forward)'
4 polymer '52-nt Hypoxia Response Element (Reverse)'
#
loop_
_entity_poly.entity_id
_entity_poly.type
_entity_poly.pdbx_seq_one_letter_code
_entity_poly.pdbx_strand_id
1 'polypeptide(L)'
;MGSSHHHHHHSQDPGAGGANDKKKISSERRKEKSRDAARSRRSKESEVFYELAHQLPLPHNVSSHLDKASVMRLTISYLR
VRKLLDAGDLDIEDDMKAQMNCFYLKALDGFVMVLTDDGDMIYISDNVNKYMGLTQFELTGHSVFDFTHPCDHEEMREML
THRNGLVKKGKEQNTQRSFFLRMKCTLTSRGRTMNIKSATWKVLHCTGHIHVYDTNSNQPQCGYKKPPMTCLVLICEPIP
HPSNIEIPLDSKTFLSRHSLDMKFSYCDERITELMGYEPEELLGRSIYEYYHALDSDHLTKTHHDMFTKGQVTTGQYRML
AKRGGYVWVETQATVIYNTKNSQPQCIVCVNYVVSGIIQHDLIFSLQQTECVL
;
A,C
2 'polypeptide(L)'
;MRENHSEIERRRRNKMTAYITELSDMVPTCSALARKPDKLTILRMAVSHMKSLRGTGNTSTDGSYKPSFLTDQELKHLIL
EAADGFLFIVSCETGRVVYVSDSVTPVLNQPQSEWFGSTLYDQVHPDDVDKLREQLSTSENALTGRILDLKTGTVKKEGQ
QSSMRMCMGSRRSFICRMRCGSSSVDPVSVNRLSFVRNRCRNGLGSVKDGEPHFVVVHCTGYIKAWPPAGVSLPDDDPEA
GQGSKFCLVAIGRLQVTSSPNCTDMSNVCQPTEFISRHNIEGIFTFVDHRCVATVGYQPQELLGKNIVEFCHPEDQQLLR
DSFQQVVKLKGQVLSVMFRFRSKNQEWLWMRTSSFTFQNPYSDEIEYIICTNTNVKNSSQE
;
B,D
3 'polydeoxyribonucleotide'
;(DT)(DG)(DG)(DG)(DC)(DC)(DC)(DT)(DA)(DC)(DG)(DT)(DG)(DC)(DT)(DG)(DT)(DC)(DT)(DC)
(DA)(DC)(DA)(DC)(DA)(DG)(DC)(DC)(DT)(DG)(DT)(DC)(DT)(DG)(DA)(DC)(DC)(DT)(DC)(DT)
(DC)(DG)(DA)(DC)(DC)(DC)(DT)(DA)(DC)(DC)(DG)(DG)
;
E
4 'polydeoxyribonucleotide'
;(DC)(DC)(DG)(DG)(DT)(DA)(DG)(DG)(DG)(DT)(DC)(DG)(DA)(DG)(DA)(DG)(DG)(DT)(DC)(DA)
(DG)(DA)(DC)(DA)(DG)(DG)(DC)(DT)(DG)(DT)(DG)(DT)(DG)(DA)(DG)(DA)(DC)(DA)(DG)(DC)
(DA)(DC)(DG)(DT)(DA)(DG)(DG)(DG)(DC)(DC)(DC)(DA)
;
F
#
loop_
_chem_comp.id
_chem_comp.type
_chem_comp.name
_chem_comp.formula
DA DNA linking 2'-DEOXYADENOSINE-5'-MONOPHOSPHATE 'C10 H14 N5 O6 P'
DC DNA linking 2'-DEOXYCYTIDINE-5'-MONOPHOSPHATE 'C9 H14 N3 O7 P'
DG DNA linking 2'-DEOXYGUANOSINE-5'-MONOPHOSPHATE 'C10 H14 N5 O7 P'
DT DNA linking THYMIDINE-5'-MONOPHOSPHATE 'C10 H15 N2 O8 P'
#
# COMPACT_ATOMS: atom_id res chain seq x y z
N ARG A 29 -41.30 -31.81 -33.43
CA ARG A 29 -42.31 -31.34 -32.48
C ARG A 29 -41.62 -31.03 -31.15
N ARG A 30 -40.43 -31.60 -30.97
CA ARG A 30 -39.70 -31.47 -29.72
C ARG A 30 -39.33 -30.03 -29.41
N LYS A 31 -39.19 -29.18 -30.42
CA LYS A 31 -38.74 -27.81 -30.19
C LYS A 31 -39.84 -26.96 -29.55
N GLU A 32 -41.08 -27.09 -30.03
CA GLU A 32 -42.13 -26.20 -29.55
C GLU A 32 -42.63 -26.57 -28.16
N LYS A 33 -42.61 -27.86 -27.81
CA LYS A 33 -43.07 -28.28 -26.48
C LYS A 33 -42.15 -27.73 -25.40
N SER A 34 -40.84 -27.72 -25.64
CA SER A 34 -39.89 -27.27 -24.63
C SER A 34 -40.08 -25.79 -24.30
N ARG A 35 -40.40 -24.97 -25.30
CA ARG A 35 -40.57 -23.53 -25.05
C ARG A 35 -41.72 -23.28 -24.07
N ASP A 36 -42.83 -23.98 -24.24
CA ASP A 36 -43.94 -23.82 -23.31
C ASP A 36 -43.56 -24.29 -21.91
N ALA A 37 -42.84 -25.40 -21.82
CA ALA A 37 -42.36 -25.86 -20.51
C ALA A 37 -41.33 -24.90 -19.94
N ALA A 38 -40.43 -24.40 -20.77
CA ALA A 38 -39.41 -23.47 -20.30
C ALA A 38 -40.03 -22.15 -19.84
N ARG A 39 -41.04 -21.66 -20.57
CA ARG A 39 -41.69 -20.42 -20.17
C ARG A 39 -42.48 -20.60 -18.89
N SER A 40 -42.89 -21.83 -18.59
CA SER A 40 -43.67 -22.08 -17.38
C SER A 40 -42.85 -21.81 -16.12
N ARG A 41 -41.61 -22.29 -16.10
CA ARG A 41 -40.78 -22.12 -14.93
C ARG A 41 -40.50 -20.65 -14.66
N ARG A 42 -40.19 -19.89 -15.71
CA ARG A 42 -39.88 -18.48 -15.54
C ARG A 42 -41.05 -17.73 -14.92
N SER A 43 -42.27 -18.06 -15.34
CA SER A 43 -43.45 -17.44 -14.74
C SER A 43 -43.53 -17.78 -13.26
N LYS A 44 -43.26 -19.05 -12.90
CA LYS A 44 -43.25 -19.43 -11.50
C LYS A 44 -42.12 -18.75 -10.73
N GLU A 45 -40.98 -18.56 -11.41
CA GLU A 45 -39.84 -17.93 -10.76
C GLU A 45 -40.15 -16.49 -10.35
N SER A 46 -40.81 -15.74 -11.24
CA SER A 46 -41.04 -14.32 -10.97
C SER A 46 -41.93 -14.12 -9.74
N GLU A 47 -42.99 -14.93 -9.61
CA GLU A 47 -43.85 -14.81 -8.44
C GLU A 47 -43.11 -15.20 -7.17
N VAL A 48 -42.26 -16.23 -7.25
CA VAL A 48 -41.46 -16.62 -6.09
C VAL A 48 -40.52 -15.48 -5.70
N PHE A 49 -39.83 -14.90 -6.69
CA PHE A 49 -38.96 -13.77 -6.40
C PHE A 49 -39.75 -12.58 -5.90
N TYR A 50 -40.91 -12.31 -6.51
CA TYR A 50 -41.78 -11.24 -6.03
C TYR A 50 -42.19 -11.49 -4.59
N GLU A 51 -42.55 -12.74 -4.27
CA GLU A 51 -42.87 -13.08 -2.89
C GLU A 51 -41.65 -12.88 -1.99
N LEU A 52 -40.48 -13.32 -2.44
CA LEU A 52 -39.26 -13.08 -1.68
C LEU A 52 -38.95 -11.59 -1.60
N ALA A 53 -39.16 -10.87 -2.70
CA ALA A 53 -38.93 -9.43 -2.69
C ALA A 53 -39.87 -8.74 -1.69
N HIS A 54 -41.12 -9.19 -1.62
CA HIS A 54 -42.06 -8.62 -0.67
C HIS A 54 -41.74 -9.04 0.77
N GLN A 55 -41.10 -10.20 0.97
CA GLN A 55 -40.80 -10.65 2.32
C GLN A 55 -39.71 -9.81 2.97
N LEU A 56 -38.88 -9.16 2.17
CA LEU A 56 -37.86 -8.30 2.74
C LEU A 56 -38.51 -7.13 3.48
N PRO A 57 -38.04 -6.79 4.68
CA PRO A 57 -38.69 -5.71 5.44
C PRO A 57 -38.44 -4.34 4.84
N LEU A 58 -39.02 -4.09 3.67
CA LEU A 58 -38.90 -2.82 2.96
C LEU A 58 -40.28 -2.34 2.55
N PRO A 59 -40.38 -1.02 2.28
CA PRO A 59 -41.67 -0.52 1.78
C PRO A 59 -42.10 -1.29 0.56
N HIS A 60 -43.39 -1.36 0.35
CA HIS A 60 -43.93 -2.14 -0.77
C HIS A 60 -43.53 -1.54 -2.12
N ASN A 61 -43.51 -0.21 -2.22
CA ASN A 61 -43.14 0.44 -3.47
C ASN A 61 -41.69 0.17 -3.85
N VAL A 62 -40.82 -0.11 -2.88
CA VAL A 62 -39.42 -0.39 -3.16
C VAL A 62 -39.21 -1.81 -3.65
N SER A 63 -39.91 -2.77 -3.03
CA SER A 63 -39.75 -4.18 -3.40
C SER A 63 -40.21 -4.43 -4.83
N SER A 64 -41.22 -3.69 -5.30
CA SER A 64 -41.74 -3.90 -6.64
C SER A 64 -40.70 -3.59 -7.72
N HIS A 65 -39.95 -2.51 -7.55
CA HIS A 65 -38.96 -2.10 -8.55
C HIS A 65 -37.64 -2.83 -8.41
N LEU A 66 -37.45 -3.61 -7.35
CA LEU A 66 -36.16 -4.25 -7.09
C LEU A 66 -35.95 -5.39 -8.06
N ASP A 67 -34.77 -5.42 -8.68
CA ASP A 67 -34.44 -6.50 -9.60
C ASP A 67 -34.04 -7.76 -8.82
N LYS A 68 -33.86 -8.87 -9.53
CA LYS A 68 -33.63 -10.15 -8.88
C LYS A 68 -32.34 -10.15 -8.07
N ALA A 69 -31.25 -9.64 -8.64
CA ALA A 69 -29.96 -9.70 -7.97
C ALA A 69 -29.99 -8.93 -6.66
N SER A 70 -30.64 -7.77 -6.63
CA SER A 70 -30.71 -7.00 -5.40
C SER A 70 -31.54 -7.72 -4.35
N VAL A 71 -32.61 -8.40 -4.78
CA VAL A 71 -33.41 -9.19 -3.84
C VAL A 71 -32.55 -10.30 -3.22
N MET A 72 -31.80 -11.01 -4.06
CA MET A 72 -30.90 -12.04 -3.58
C MET A 72 -29.91 -11.48 -2.57
N ARG A 73 -29.29 -10.35 -2.90
CA ARG A 73 -28.25 -9.78 -2.05
C ARG A 73 -28.82 -9.34 -0.71
N LEU A 74 -29.94 -8.62 -0.72
CA LEU A 74 -30.53 -8.16 0.53
C LEU A 74 -31.01 -9.33 1.37
N THR A 75 -31.58 -10.36 0.75
CA THR A 75 -32.03 -11.52 1.52
C THR A 75 -30.87 -12.24 2.17
N ILE A 76 -29.76 -12.43 1.44
CA ILE A 76 -28.60 -13.09 2.02
C ILE A 76 -28.06 -12.27 3.18
N SER A 77 -27.95 -10.96 3.01
CA SER A 77 -27.43 -10.12 4.09
C SER A 77 -28.33 -10.16 5.31
N TYR A 78 -29.65 -10.08 5.10
CA TYR A 78 -30.57 -10.08 6.23
C TYR A 78 -30.50 -11.40 6.97
N LEU A 79 -30.43 -12.51 6.22
CA LEU A 79 -30.34 -13.81 6.87
C LEU A 79 -29.04 -13.95 7.67
N ARG A 80 -27.92 -13.46 7.11
CA ARG A 80 -26.66 -13.52 7.85
C ARG A 80 -26.74 -12.71 9.14
N VAL A 81 -27.31 -11.51 9.07
CA VAL A 81 -27.43 -10.69 10.26
C VAL A 81 -28.34 -11.35 11.29
N ARG A 82 -29.44 -11.96 10.83
CA ARG A 82 -30.34 -12.63 11.75
C ARG A 82 -29.66 -13.82 12.43
N LYS A 83 -28.87 -14.58 11.66
CA LYS A 83 -28.13 -15.68 12.23
C LYS A 83 -27.15 -15.20 13.30
N LEU A 84 -26.46 -14.08 13.03
CA LEU A 84 -25.52 -13.55 14.01
C LEU A 84 -26.24 -13.04 15.25
N LEU A 85 -27.36 -12.34 15.08
CA LEU A 85 -28.06 -11.75 16.23
C LEU A 85 -28.70 -12.83 17.10
N ASP A 86 -29.32 -13.84 16.48
CA ASP A 86 -29.97 -14.89 17.26
C ASP A 86 -28.97 -15.69 18.09
N ALA A 87 -27.68 -15.66 17.71
CA ALA A 87 -26.66 -16.28 18.54
C ALA A 87 -26.22 -15.42 19.71
N GLY A 88 -26.71 -14.17 19.79
CA GLY A 88 -26.38 -13.30 20.89
C GLY A 88 -27.56 -12.97 21.76
N ASP A 89 -27.44 -13.21 23.06
CA ASP A 89 -28.54 -12.99 23.99
C ASP A 89 -28.42 -11.64 24.70
N ALA A 98 -38.37 1.33 27.26
CA ALA A 98 -37.93 0.72 26.01
C ALA A 98 -37.91 1.75 24.87
N GLN A 99 -38.54 2.90 25.12
CA GLN A 99 -38.55 3.96 24.12
C GLN A 99 -37.20 4.67 24.01
N MET A 100 -36.30 4.45 24.97
CA MET A 100 -35.00 5.10 24.96
C MET A 100 -34.07 4.52 23.90
N ASN A 101 -34.36 3.31 23.40
CA ASN A 101 -33.47 2.68 22.44
C ASN A 101 -33.53 3.36 21.07
N CYS A 102 -34.69 3.88 20.69
CA CYS A 102 -34.85 4.47 19.36
C CYS A 102 -34.06 5.75 19.19
N PHE A 103 -33.61 6.37 20.27
CA PHE A 103 -32.88 7.64 20.18
C PHE A 103 -31.41 7.46 19.83
N TYR A 104 -30.92 6.23 19.82
CA TYR A 104 -29.49 6.01 19.64
C TYR A 104 -29.00 6.48 18.27
N LEU A 105 -29.78 6.21 17.23
CA LEU A 105 -29.30 6.44 15.87
C LEU A 105 -29.04 7.92 15.59
N LYS A 106 -29.97 8.79 15.99
CA LYS A 106 -29.78 10.21 15.75
C LYS A 106 -28.79 10.82 16.74
N ALA A 107 -28.72 10.27 17.95
CA ALA A 107 -27.77 10.79 18.93
C ALA A 107 -26.34 10.42 18.57
N LEU A 108 -26.11 9.17 18.19
CA LEU A 108 -24.78 8.75 17.81
C LEU A 108 -24.35 9.47 16.52
N ASP A 109 -23.12 9.97 16.52
CA ASP A 109 -22.64 10.84 15.44
C ASP A 109 -21.95 10.05 14.34
N GLY A 110 -22.38 8.81 14.14
CA GLY A 110 -21.86 7.98 13.08
C GLY A 110 -22.91 6.99 12.64
N PHE A 111 -22.53 6.12 11.71
CA PHE A 111 -23.41 5.10 11.19
C PHE A 111 -22.78 3.73 11.36
N VAL A 112 -23.55 2.79 11.89
CA VAL A 112 -23.01 1.48 12.23
C VAL A 112 -22.87 0.65 10.97
N MET A 113 -21.70 0.05 10.80
CA MET A 113 -21.47 -0.94 9.76
C MET A 113 -21.25 -2.29 10.42
N VAL A 114 -21.47 -3.35 9.65
CA VAL A 114 -21.10 -4.71 10.05
C VAL A 114 -20.37 -5.33 8.87
N LEU A 115 -19.17 -5.83 9.10
CA LEU A 115 -18.35 -6.43 8.05
C LEU A 115 -17.95 -7.84 8.47
N THR A 116 -18.07 -8.79 7.54
CA THR A 116 -17.61 -10.15 7.78
C THR A 116 -16.21 -10.33 7.21
N ASP A 117 -15.66 -11.54 7.37
CA ASP A 117 -14.36 -11.83 6.78
C ASP A 117 -14.40 -11.76 5.25
N ASP A 118 -15.57 -11.98 4.65
CA ASP A 118 -15.69 -11.83 3.20
C ASP A 118 -15.49 -10.38 2.78
N GLY A 119 -16.05 -9.44 3.52
CA GLY A 119 -15.98 -8.04 3.18
C GLY A 119 -17.30 -7.47 2.72
N ASP A 120 -18.40 -7.92 3.33
CA ASP A 120 -19.75 -7.56 2.91
C ASP A 120 -20.43 -6.75 4.00
N MET A 121 -21.00 -5.59 3.64
CA MET A 121 -21.71 -4.77 4.62
C MET A 121 -23.05 -5.43 4.88
N ILE A 122 -23.04 -6.48 5.71
CA ILE A 122 -24.27 -7.22 5.93
C ILE A 122 -25.31 -6.39 6.67
N TYR A 123 -24.91 -5.29 7.32
CA TYR A 123 -25.88 -4.38 7.89
C TYR A 123 -25.30 -2.97 7.94
N ILE A 124 -26.10 -1.99 7.51
CA ILE A 124 -25.76 -0.57 7.60
C ILE A 124 -26.97 0.16 8.14
N SER A 125 -26.73 1.07 9.09
CA SER A 125 -27.82 1.84 9.66
C SER A 125 -28.41 2.75 8.59
N ASP A 126 -29.71 3.02 8.71
CA ASP A 126 -30.45 3.75 7.67
C ASP A 126 -30.01 5.20 7.54
N ASN A 127 -29.22 5.72 8.48
CA ASN A 127 -28.73 7.09 8.42
C ASN A 127 -27.38 7.20 7.72
N VAL A 128 -27.04 6.24 6.86
CA VAL A 128 -25.79 6.33 6.12
C VAL A 128 -25.83 7.45 5.10
N ASN A 129 -27.01 7.76 4.55
CA ASN A 129 -27.11 8.81 3.53
C ASN A 129 -26.79 10.19 4.09
N LYS A 130 -27.09 10.42 5.36
CA LYS A 130 -26.86 11.74 5.94
C LYS A 130 -25.37 12.06 6.03
N TYR A 131 -24.55 11.08 6.41
CA TYR A 131 -23.11 11.29 6.55
C TYR A 131 -22.32 10.89 5.33
N MET A 132 -22.69 9.80 4.65
CA MET A 132 -21.89 9.26 3.57
C MET A 132 -22.48 9.49 2.18
N GLY A 133 -23.75 9.84 2.10
CA GLY A 133 -24.40 10.07 0.81
C GLY A 133 -25.14 8.89 0.22
N LEU A 134 -24.49 7.73 0.15
CA LEU A 134 -25.12 6.56 -0.44
C LEU A 134 -26.28 6.08 0.42
N THR A 135 -27.20 5.33 -0.20
CA THR A 135 -28.42 4.88 0.43
C THR A 135 -28.30 3.42 0.83
N GLN A 136 -28.96 3.07 1.94
CA GLN A 136 -28.79 1.74 2.55
C GLN A 136 -29.08 0.61 1.56
N PHE A 137 -30.19 0.70 0.83
CA PHE A 137 -30.55 -0.39 -0.08
C PHE A 137 -29.56 -0.53 -1.23
N GLU A 138 -28.83 0.53 -1.56
CA GLU A 138 -27.79 0.42 -2.57
C GLU A 138 -26.53 -0.25 -2.03
N LEU A 139 -26.21 -0.04 -0.75
CA LEU A 139 -24.95 -0.49 -0.19
C LEU A 139 -25.02 -1.88 0.43
N THR A 140 -26.09 -2.18 1.16
CA THR A 140 -26.15 -3.42 1.93
C THR A 140 -25.89 -4.62 1.04
N GLY A 141 -24.95 -5.47 1.46
CA GLY A 141 -24.58 -6.65 0.73
C GLY A 141 -23.43 -6.48 -0.23
N HIS A 142 -23.10 -5.26 -0.61
CA HIS A 142 -21.99 -5.04 -1.53
C HIS A 142 -20.66 -5.27 -0.81
N SER A 143 -19.59 -5.39 -1.60
CA SER A 143 -18.28 -5.64 -1.04
C SER A 143 -17.64 -4.35 -0.53
N VAL A 144 -17.14 -4.39 0.70
CA VAL A 144 -16.51 -3.21 1.28
C VAL A 144 -15.21 -2.85 0.57
N PHE A 145 -14.59 -3.81 -0.10
CA PHE A 145 -13.41 -3.49 -0.88
C PHE A 145 -13.75 -2.72 -2.15
N ASP A 146 -15.03 -2.62 -2.49
CA ASP A 146 -15.44 -1.90 -3.69
C ASP A 146 -15.76 -0.45 -3.37
N PHE A 147 -16.49 -0.20 -2.28
CA PHE A 147 -16.98 1.14 -1.94
C PHE A 147 -16.03 1.91 -1.04
N THR A 148 -14.74 1.61 -1.09
CA THR A 148 -13.72 2.38 -0.39
C THR A 148 -12.59 2.70 -1.34
N HIS A 149 -11.67 3.54 -0.89
CA HIS A 149 -10.53 3.90 -1.72
C HIS A 149 -9.67 2.65 -1.98
N PRO A 150 -9.18 2.47 -3.20
CA PRO A 150 -8.38 1.27 -3.49
C PRO A 150 -7.09 1.16 -2.69
N CYS A 151 -6.59 2.27 -2.14
CA CYS A 151 -5.35 2.22 -1.37
C CYS A 151 -5.57 1.88 0.10
N ASP A 152 -6.82 1.74 0.54
CA ASP A 152 -7.11 1.26 1.89
C ASP A 152 -7.48 -0.21 1.93
N HIS A 153 -7.33 -0.92 0.81
CA HIS A 153 -7.64 -2.34 0.80
C HIS A 153 -6.73 -3.11 1.75
N GLU A 154 -5.43 -2.80 1.74
CA GLU A 154 -4.49 -3.52 2.58
C GLU A 154 -4.77 -3.28 4.06
N GLU A 155 -5.04 -2.04 4.45
CA GLU A 155 -5.35 -1.75 5.84
C GLU A 155 -6.64 -2.44 6.26
N MET A 156 -7.64 -2.47 5.37
CA MET A 156 -8.88 -3.18 5.65
C MET A 156 -8.62 -4.66 5.86
N ARG A 157 -7.78 -5.27 5.01
CA ARG A 157 -7.50 -6.69 5.15
C ARG A 157 -6.76 -6.98 6.45
N GLU A 158 -5.81 -6.12 6.82
CA GLU A 158 -5.08 -6.32 8.06
C GLU A 158 -6.00 -6.17 9.28
N MET A 159 -6.89 -5.19 9.26
CA MET A 159 -7.76 -4.99 10.41
C MET A 159 -8.85 -6.05 10.49
N LEU A 160 -9.29 -6.59 9.35
CA LEU A 160 -10.34 -7.60 9.36
C LEU A 160 -9.83 -8.97 9.78
N THR A 161 -8.55 -9.26 9.57
CA THR A 161 -8.01 -10.57 9.89
C THR A 161 -7.97 -10.78 11.40
N HIS A 162 -7.91 -12.05 11.80
CA HIS A 162 -7.94 -12.41 13.20
C HIS A 162 -7.08 -13.64 13.48
N GLN A 173 -4.85 -11.31 22.87
CA GLN A 173 -5.42 -11.02 21.56
C GLN A 173 -6.50 -9.96 21.66
N ASN A 174 -6.07 -8.70 21.62
CA ASN A 174 -7.02 -7.59 21.72
C ASN A 174 -7.89 -7.52 20.47
N THR A 175 -9.17 -7.20 20.66
CA THR A 175 -10.12 -7.10 19.57
C THR A 175 -10.45 -5.68 19.18
N GLN A 176 -9.95 -4.69 19.91
CA GLN A 176 -10.26 -3.30 19.58
C GLN A 176 -9.62 -2.91 18.24
N ARG A 177 -10.35 -2.10 17.47
CA ARG A 177 -9.88 -1.63 16.18
C ARG A 177 -10.12 -0.13 16.08
N SER A 178 -9.11 0.60 15.60
CA SER A 178 -9.22 2.05 15.44
C SER A 178 -8.30 2.46 14.30
N PHE A 179 -8.90 2.82 13.17
CA PHE A 179 -8.13 3.16 11.98
C PHE A 179 -9.01 4.01 11.07
N PHE A 180 -8.38 4.63 10.08
CA PHE A 180 -9.06 5.56 9.18
C PHE A 180 -9.29 4.89 7.83
N LEU A 181 -10.52 4.98 7.34
CA LEU A 181 -10.93 4.33 6.10
C LEU A 181 -11.54 5.37 5.18
N ARG A 182 -11.09 5.42 3.93
CA ARG A 182 -11.58 6.39 2.96
C ARG A 182 -12.77 5.78 2.22
N MET A 183 -13.95 6.33 2.46
CA MET A 183 -15.19 5.78 1.91
C MET A 183 -15.72 6.69 0.80
N LYS A 184 -16.23 6.08 -0.26
CA LYS A 184 -16.78 6.82 -1.38
C LYS A 184 -18.00 7.64 -0.95
N CYS A 185 -18.01 8.91 -1.33
CA CYS A 185 -19.04 9.84 -0.91
C CYS A 185 -19.72 10.47 -2.12
N THR A 186 -21.05 10.37 -2.16
CA THR A 186 -21.84 10.99 -3.22
C THR A 186 -22.59 12.24 -2.75
N LEU A 187 -22.27 12.75 -1.56
CA LEU A 187 -22.95 13.92 -1.02
C LEU A 187 -22.07 15.15 -1.23
N THR A 188 -22.62 16.17 -1.87
CA THR A 188 -21.90 17.41 -2.09
C THR A 188 -21.91 18.26 -0.82
N SER A 189 -21.04 19.27 -0.79
CA SER A 189 -20.94 20.14 0.37
C SER A 189 -22.23 20.91 0.64
N ARG A 190 -23.05 21.12 -0.37
CA ARG A 190 -24.31 21.83 -0.23
C ARG A 190 -25.49 20.90 0.04
N GLY A 191 -25.24 19.60 0.21
CA GLY A 191 -26.29 18.65 0.50
C GLY A 191 -26.99 18.05 -0.69
N ARG A 192 -26.57 18.37 -1.91
CA ARG A 192 -27.19 17.83 -3.11
C ARG A 192 -26.64 16.43 -3.39
N THR A 193 -27.54 15.47 -3.59
CA THR A 193 -27.12 14.13 -3.98
C THR A 193 -26.64 14.16 -5.43
N MET A 194 -25.45 13.61 -5.66
CA MET A 194 -24.80 13.72 -6.95
C MET A 194 -24.40 12.33 -7.43
N ASN A 195 -24.31 12.19 -8.76
CA ASN A 195 -24.18 10.89 -9.41
C ASN A 195 -22.93 10.18 -8.92
N ILE A 196 -23.06 8.87 -8.68
CA ILE A 196 -21.97 8.09 -8.11
C ILE A 196 -20.77 7.96 -9.05
N LYS A 197 -20.97 8.08 -10.36
CA LYS A 197 -19.88 7.82 -11.28
C LYS A 197 -18.76 8.85 -11.16
N SER A 198 -19.03 10.00 -10.54
CA SER A 198 -18.00 11.01 -10.30
C SER A 198 -17.81 11.29 -8.80
N ALA A 199 -18.11 10.31 -7.95
CA ALA A 199 -18.09 10.53 -6.51
C ALA A 199 -16.68 10.77 -6.00
N THR A 200 -16.58 11.53 -4.91
CA THR A 200 -15.32 11.85 -4.26
C THR A 200 -15.18 11.04 -2.97
N TRP A 201 -13.94 10.94 -2.51
CA TRP A 201 -13.61 10.13 -1.34
C TRP A 201 -13.81 10.92 -0.06
N LYS A 202 -14.21 10.23 1.01
CA LYS A 202 -14.40 10.82 2.32
C LYS A 202 -13.73 9.94 3.36
N VAL A 203 -13.13 10.57 4.38
CA VAL A 203 -12.35 9.87 5.39
C VAL A 203 -13.20 9.69 6.64
N LEU A 204 -13.19 8.47 7.20
CA LEU A 204 -14.00 8.12 8.35
C LEU A 204 -13.14 7.47 9.43
N HIS A 205 -13.40 7.84 10.68
CA HIS A 205 -12.69 7.30 11.84
C HIS A 205 -13.44 6.07 12.34
N CYS A 206 -12.86 4.89 12.15
CA CYS A 206 -13.54 3.63 12.43
C CYS A 206 -13.16 3.10 13.80
N THR A 207 -14.16 2.76 14.60
CA THR A 207 -13.96 2.14 15.90
C THR A 207 -14.91 0.95 16.03
N GLY A 208 -14.40 -0.18 16.49
CA GLY A 208 -15.25 -1.33 16.66
C GLY A 208 -14.47 -2.54 17.15
N HIS A 209 -15.20 -3.66 17.24
CA HIS A 209 -14.67 -4.91 17.77
C HIS A 209 -14.82 -6.00 16.72
N ILE A 210 -14.08 -7.09 16.92
CA ILE A 210 -14.26 -8.30 16.13
C ILE A 210 -15.06 -9.29 16.96
N HIS A 211 -16.10 -9.84 16.36
CA HIS A 211 -16.97 -10.81 17.02
C HIS A 211 -16.77 -12.17 16.40
N VAL A 212 -16.51 -13.18 17.24
CA VAL A 212 -16.42 -14.57 16.81
C VAL A 212 -17.64 -15.27 17.37
N TYR A 213 -18.66 -15.46 16.53
CA TYR A 213 -19.97 -15.91 16.97
C TYR A 213 -20.25 -17.30 16.43
N ASP A 214 -20.66 -18.20 17.32
CA ASP A 214 -20.97 -19.58 16.93
C ASP A 214 -22.45 -19.73 16.58
N PRO A 228 -15.90 -21.34 12.92
CA PRO A 228 -16.43 -20.09 13.49
C PRO A 228 -16.49 -18.97 12.46
N MET A 229 -17.60 -18.23 12.45
CA MET A 229 -17.79 -17.11 11.54
C MET A 229 -17.56 -15.81 12.29
N THR A 230 -16.80 -14.90 11.68
CA THR A 230 -16.32 -13.69 12.33
C THR A 230 -16.88 -12.44 11.65
N CYS A 231 -17.48 -11.56 12.44
CA CYS A 231 -17.96 -10.27 11.98
C CYS A 231 -17.26 -9.15 12.73
N LEU A 232 -17.03 -8.04 12.04
CA LEU A 232 -16.44 -6.84 12.62
C LEU A 232 -17.49 -5.74 12.59
N VAL A 233 -17.76 -5.16 13.74
CA VAL A 233 -18.83 -4.18 13.88
C VAL A 233 -18.20 -2.79 13.98
N LEU A 234 -18.26 -2.03 12.90
CA LEU A 234 -17.60 -0.74 12.81
C LEU A 234 -18.59 0.39 13.01
N ILE A 235 -18.14 1.48 13.63
CA ILE A 235 -18.89 2.73 13.72
C ILE A 235 -18.04 3.80 13.07
N CYS A 236 -18.27 4.07 11.79
CA CYS A 236 -17.49 5.02 11.03
C CYS A 236 -18.05 6.42 11.27
N GLU A 237 -17.20 7.33 11.74
CA GLU A 237 -17.57 8.70 12.03
C GLU A 237 -16.97 9.66 11.02
N PRO A 238 -17.66 10.73 10.65
CA PRO A 238 -17.08 11.71 9.73
C PRO A 238 -16.18 12.69 10.45
N ILE A 239 -15.19 13.18 9.71
CA ILE A 239 -14.25 14.17 10.23
C ILE A 239 -14.71 15.55 9.75
N PRO A 240 -15.13 16.42 10.68
CA PRO A 240 -15.66 17.70 10.21
C PRO A 240 -14.58 18.62 9.67
N HIS A 241 -14.74 19.07 8.43
CA HIS A 241 -13.80 20.00 7.85
C HIS A 241 -13.83 21.34 8.60
N PRO A 242 -12.66 21.89 8.96
CA PRO A 242 -12.65 23.10 9.81
C PRO A 242 -13.29 24.30 9.15
N SER A 243 -13.36 24.35 7.83
CA SER A 243 -14.04 25.43 7.14
C SER A 243 -15.55 25.31 7.17
N ASN A 244 -16.08 24.16 7.61
CA ASN A 244 -17.52 23.90 7.64
C ASN A 244 -17.93 23.33 8.98
N ILE A 245 -17.46 23.95 10.06
CA ILE A 245 -17.76 23.49 11.41
C ILE A 245 -19.27 23.59 11.70
N THR A 253 -10.72 25.24 23.90
CA THR A 253 -10.38 24.74 22.58
C THR A 253 -9.94 25.88 21.66
N PHE A 254 -8.86 25.65 20.93
CA PHE A 254 -8.31 26.65 20.02
C PHE A 254 -8.06 26.03 18.65
N LEU A 255 -7.99 26.89 17.64
CA LEU A 255 -7.70 26.48 16.28
C LEU A 255 -6.28 26.87 15.91
N SER A 256 -5.81 26.35 14.78
CA SER A 256 -4.48 26.66 14.29
C SER A 256 -4.38 26.31 12.82
N ARG A 257 -3.16 26.40 12.29
CA ARG A 257 -2.89 26.08 10.90
C ARG A 257 -1.40 25.85 10.76
N HIS A 258 -1.01 24.91 9.89
CA HIS A 258 0.38 24.53 9.77
C HIS A 258 0.78 24.38 8.30
N SER A 259 2.09 24.37 8.07
CA SER A 259 2.65 24.21 6.74
C SER A 259 2.64 22.74 6.32
N LEU A 260 2.94 22.51 5.05
CA LEU A 260 2.83 21.16 4.50
C LEU A 260 3.87 20.23 5.08
N ASP A 261 5.08 20.72 5.34
CA ASP A 261 6.10 19.93 6.01
C ASP A 261 6.08 20.15 7.52
N MET A 262 4.96 20.67 8.04
CA MET A 262 4.67 20.75 9.47
C MET A 262 5.64 21.69 10.20
N LYS A 263 5.55 22.97 9.89
CA LYS A 263 5.91 24.04 10.81
C LYS A 263 4.69 24.92 11.06
N PHE A 264 4.68 25.58 12.21
CA PHE A 264 3.61 26.53 12.50
C PHE A 264 3.56 27.62 11.45
N SER A 265 2.34 28.00 11.06
CA SER A 265 2.13 29.12 10.15
C SER A 265 1.03 30.06 10.62
N TYR A 266 0.23 29.67 11.60
CA TYR A 266 -0.83 30.51 12.15
C TYR A 266 -1.35 29.83 13.42
N CYS A 267 -1.66 30.64 14.42
CA CYS A 267 -2.25 30.14 15.66
C CYS A 267 -3.35 31.10 16.10
N ASP A 268 -4.44 30.55 16.59
CA ASP A 268 -5.51 31.38 17.13
C ASP A 268 -5.06 32.04 18.43
N GLU A 269 -5.58 33.24 18.68
CA GLU A 269 -5.19 34.01 19.85
C GLU A 269 -5.67 33.38 21.16
N ARG A 270 -6.54 32.37 21.10
CA ARG A 270 -6.96 31.68 22.31
C ARG A 270 -5.81 30.91 22.95
N ILE A 271 -4.71 30.69 22.22
CA ILE A 271 -3.58 29.95 22.75
C ILE A 271 -2.95 30.67 23.93
N THR A 272 -3.05 32.00 23.97
CA THR A 272 -2.37 32.76 25.02
C THR A 272 -2.96 32.46 26.40
N GLU A 273 -4.28 32.40 26.50
CA GLU A 273 -4.90 32.19 27.80
C GLU A 273 -4.68 30.78 28.33
N LEU A 274 -4.69 29.78 27.44
CA LEU A 274 -4.66 28.40 27.90
C LEU A 274 -3.33 28.04 28.55
N MET A 275 -2.21 28.34 27.89
CA MET A 275 -0.90 27.92 28.36
C MET A 275 0.13 29.04 28.46
N GLY A 276 -0.20 30.27 28.05
CA GLY A 276 0.74 31.35 28.10
C GLY A 276 1.60 31.52 26.88
N TYR A 277 1.50 30.61 25.90
CA TYR A 277 2.26 30.75 24.67
C TYR A 277 1.80 31.96 23.88
N GLU A 278 2.74 32.75 23.39
CA GLU A 278 2.44 33.86 22.51
C GLU A 278 2.58 33.39 21.06
N PRO A 279 1.54 33.50 20.24
CA PRO A 279 1.60 32.91 18.88
C PRO A 279 2.73 33.45 18.02
N GLU A 280 3.08 34.74 18.18
CA GLU A 280 4.12 35.33 17.34
C GLU A 280 5.45 34.61 17.52
N GLU A 281 5.68 34.01 18.69
CA GLU A 281 6.90 33.22 18.90
C GLU A 281 6.80 31.87 18.19
N LEU A 282 5.60 31.34 18.01
CA LEU A 282 5.44 29.98 17.52
C LEU A 282 5.66 29.85 16.02
N LEU A 283 5.33 30.88 15.24
CA LEU A 283 5.47 30.79 13.79
C LEU A 283 6.93 30.55 13.41
N GLY A 284 7.13 29.63 12.45
CA GLY A 284 8.44 29.31 11.96
C GLY A 284 9.13 28.17 12.68
N ARG A 285 8.67 27.80 13.86
CA ARG A 285 9.26 26.73 14.65
C ARG A 285 8.47 25.45 14.47
N SER A 286 9.18 24.35 14.20
CA SER A 286 8.54 23.05 14.10
C SER A 286 7.96 22.65 15.45
N ILE A 287 6.83 21.95 15.41
CA ILE A 287 6.15 21.59 16.65
C ILE A 287 6.81 20.40 17.34
N TYR A 288 7.62 19.63 16.62
CA TYR A 288 8.15 18.38 17.17
C TYR A 288 9.02 18.61 18.40
N GLU A 289 9.49 19.85 18.61
CA GLU A 289 10.20 20.19 19.82
C GLU A 289 9.24 20.45 20.99
N TYR A 290 7.94 20.54 20.72
CA TYR A 290 6.95 20.81 21.75
C TYR A 290 6.21 19.56 22.22
N TYR A 291 6.21 18.50 21.43
CA TYR A 291 5.57 17.25 21.84
C TYR A 291 6.42 16.57 22.91
N HIS A 292 5.75 15.98 23.90
CA HIS A 292 6.46 15.20 24.89
C HIS A 292 7.12 14.00 24.23
N ALA A 293 8.28 13.59 24.77
CA ALA A 293 9.03 12.50 24.17
C ALA A 293 8.29 11.17 24.23
N LEU A 294 7.29 11.04 25.09
CA LEU A 294 6.56 9.78 25.21
C LEU A 294 5.46 9.62 24.17
N ASP A 295 5.20 10.64 23.35
CA ASP A 295 4.19 10.57 22.30
C ASP A 295 4.78 10.85 20.92
N SER A 296 6.07 10.61 20.74
CA SER A 296 6.71 10.93 19.46
C SER A 296 6.30 9.97 18.36
N ASP A 297 6.34 8.65 18.65
CA ASP A 297 6.02 7.67 17.62
C ASP A 297 4.52 7.66 17.32
N HIS A 298 3.69 7.85 18.33
CA HIS A 298 2.25 7.91 18.11
C HIS A 298 1.89 9.06 17.17
N LEU A 299 2.41 10.26 17.45
CA LEU A 299 2.15 11.40 16.58
C LEU A 299 2.81 11.25 15.22
N THR A 300 3.94 10.55 15.15
CA THR A 300 4.56 10.30 13.85
C THR A 300 3.68 9.40 12.99
N LYS A 301 3.11 8.36 13.59
CA LYS A 301 2.16 7.51 12.86
C LYS A 301 0.95 8.32 12.43
N THR A 302 0.45 9.18 13.31
CA THR A 302 -0.68 10.04 12.95
C THR A 302 -0.33 10.97 11.79
N HIS A 303 0.88 11.52 11.79
CA HIS A 303 1.29 12.40 10.70
C HIS A 303 1.48 11.63 9.39
N HIS A 304 1.93 10.38 9.49
CA HIS A 304 1.98 9.55 8.29
C HIS A 304 0.59 9.31 7.75
N ASP A 305 -0.39 9.09 8.63
CA ASP A 305 -1.78 9.01 8.20
C ASP A 305 -2.23 10.32 7.56
N MET A 306 -1.81 11.44 8.13
CA MET A 306 -2.12 12.75 7.56
C MET A 306 -1.65 12.83 6.11
N PHE A 307 -0.38 12.49 5.88
CA PHE A 307 0.17 12.55 4.54
C PHE A 307 -0.52 11.57 3.59
N THR A 308 -0.85 10.38 4.08
CA THR A 308 -1.39 9.35 3.21
C THR A 308 -2.85 9.60 2.84
N LYS A 309 -3.66 10.09 3.78
CA LYS A 309 -5.10 10.19 3.58
C LYS A 309 -5.61 11.62 3.48
N GLY A 310 -5.35 12.46 4.49
CA GLY A 310 -5.71 13.86 4.46
C GLY A 310 -6.40 14.36 5.72
N GLN A 311 -7.22 13.51 6.33
CA GLN A 311 -7.94 13.90 7.54
C GLN A 311 -7.73 12.83 8.60
N VAL A 312 -7.13 13.20 9.72
CA VAL A 312 -6.84 12.27 10.81
C VAL A 312 -7.18 12.91 12.14
N THR A 313 -7.20 12.07 13.18
CA THR A 313 -7.44 12.50 14.55
C THR A 313 -6.39 11.85 15.44
N THR A 314 -5.81 12.64 16.33
CA THR A 314 -4.77 12.15 17.22
C THR A 314 -5.38 11.52 18.47
N GLY A 315 -4.53 10.88 19.26
CA GLY A 315 -4.89 10.43 20.58
C GLY A 315 -4.55 11.47 21.63
N GLN A 316 -4.66 11.05 22.89
CA GLN A 316 -4.31 11.93 23.99
C GLN A 316 -2.80 12.03 24.13
N TYR A 317 -2.26 13.20 23.82
CA TYR A 317 -0.81 13.43 23.89
C TYR A 317 -0.55 14.73 24.63
N ARG A 318 0.71 14.92 25.00
CA ARG A 318 1.12 16.00 25.89
C ARG A 318 1.75 17.13 25.10
N MET A 319 1.30 18.36 25.36
CA MET A 319 1.87 19.57 24.79
C MET A 319 2.48 20.40 25.90
N LEU A 320 3.74 20.80 25.73
CA LEU A 320 4.46 21.51 26.77
C LEU A 320 3.98 22.96 26.87
N ALA A 321 3.90 23.45 28.10
CA ALA A 321 3.47 24.81 28.36
C ALA A 321 4.67 25.76 28.26
N LYS A 322 4.51 26.99 28.76
CA LYS A 322 5.57 27.98 28.67
C LYS A 322 6.47 27.95 29.90
N ARG A 323 5.88 28.12 31.08
CA ARG A 323 6.63 28.25 32.32
C ARG A 323 6.67 26.96 33.12
N GLY A 324 6.21 25.86 32.57
CA GLY A 324 6.26 24.56 33.24
C GLY A 324 5.02 23.72 32.98
N GLY A 325 5.20 22.41 33.06
CA GLY A 325 4.08 21.50 32.93
C GLY A 325 3.70 21.21 31.49
N TYR A 326 2.53 20.58 31.34
CA TYR A 326 2.02 20.19 30.03
C TYR A 326 0.50 20.18 30.08
N VAL A 327 -0.11 20.17 28.90
CA VAL A 327 -1.56 20.13 28.75
C VAL A 327 -1.92 19.02 27.77
N TRP A 328 -3.00 18.29 28.08
CA TRP A 328 -3.48 17.21 27.22
C TRP A 328 -4.39 17.80 26.15
N VAL A 329 -4.02 17.60 24.89
CA VAL A 329 -4.81 18.11 23.76
C VAL A 329 -5.04 17.00 22.75
N GLU A 330 -6.08 17.16 21.94
CA GLU A 330 -6.42 16.23 20.86
C GLU A 330 -6.50 17.02 19.56
N THR A 331 -5.90 16.47 18.51
CA THR A 331 -5.74 17.19 17.24
C THR A 331 -6.61 16.55 16.18
N GLN A 332 -7.46 17.35 15.54
CA GLN A 332 -8.32 16.90 14.44
C GLN A 332 -7.88 17.66 13.19
N ALA A 333 -6.84 17.16 12.54
CA ALA A 333 -6.13 17.90 11.51
C ALA A 333 -6.52 17.42 10.12
N THR A 334 -6.78 18.36 9.23
CA THR A 334 -7.20 18.09 7.87
C THR A 334 -6.30 18.85 6.90
N VAL A 335 -5.87 18.19 5.83
CA VAL A 335 -5.08 18.87 4.82
C VAL A 335 -6.02 19.58 3.85
N ILE A 336 -5.53 20.66 3.24
CA ILE A 336 -6.29 21.43 2.27
C ILE A 336 -5.49 21.46 0.97
N TYR A 337 -6.17 21.16 -0.14
CA TYR A 337 -5.54 21.11 -1.45
C TYR A 337 -5.90 22.36 -2.24
N ASN A 338 -4.92 22.87 -2.98
CA ASN A 338 -5.18 23.98 -3.89
C ASN A 338 -5.95 23.47 -5.10
N THR A 339 -7.19 23.95 -5.26
CA THR A 339 -8.06 23.46 -6.32
C THR A 339 -7.53 23.79 -7.71
N LYS A 340 -6.66 24.79 -7.83
CA LYS A 340 -6.14 25.17 -9.14
C LYS A 340 -5.22 24.11 -9.71
N ASN A 341 -4.41 23.46 -8.85
CA ASN A 341 -3.42 22.50 -9.31
C ASN A 341 -3.54 21.14 -8.66
N SER A 342 -4.45 20.95 -7.71
CA SER A 342 -4.76 19.65 -7.10
C SER A 342 -3.59 19.03 -6.36
N GLN A 343 -2.81 19.83 -5.63
CA GLN A 343 -1.78 19.29 -4.76
C GLN A 343 -1.85 19.93 -3.38
N PRO A 344 -1.37 19.25 -2.34
CA PRO A 344 -1.44 19.83 -0.99
C PRO A 344 -0.68 21.14 -0.90
N GLN A 345 -1.26 22.09 -0.18
CA GLN A 345 -0.67 23.41 0.03
C GLN A 345 -0.39 23.68 1.51
N CYS A 346 -1.40 23.52 2.37
CA CYS A 346 -1.26 23.74 3.80
C CYS A 346 -1.97 22.61 4.53
N ILE A 347 -1.64 22.47 5.81
CA ILE A 347 -2.26 21.49 6.69
C ILE A 347 -2.97 22.26 7.81
N VAL A 348 -4.28 22.12 7.87
CA VAL A 348 -5.10 22.82 8.85
C VAL A 348 -5.36 21.89 10.01
N CYS A 349 -5.09 22.35 11.22
CA CYS A 349 -5.27 21.56 12.42
C CYS A 349 -6.25 22.27 13.35
N VAL A 350 -7.10 21.49 14.01
CA VAL A 350 -7.97 21.98 15.07
C VAL A 350 -7.65 21.16 16.31
N ASN A 351 -7.30 21.85 17.40
CA ASN A 351 -6.84 21.20 18.62
C ASN A 351 -7.87 21.38 19.72
N TYR A 352 -8.08 20.32 20.50
CA TYR A 352 -9.03 20.34 21.61
C TYR A 352 -8.25 20.26 22.91
N VAL A 353 -8.20 21.37 23.65
CA VAL A 353 -7.58 21.37 24.98
C VAL A 353 -8.62 20.87 25.98
N VAL A 354 -8.23 19.90 26.81
CA VAL A 354 -9.15 19.25 27.72
C VAL A 354 -8.67 19.31 29.16
N SER A 355 -7.50 19.87 29.42
CA SER A 355 -6.97 19.93 30.77
C SER A 355 -6.07 21.16 30.91
N GLY A 356 -5.90 21.59 32.16
CA GLY A 356 -5.02 22.69 32.48
C GLY A 356 -3.57 22.22 32.57
N ILE A 357 -2.73 23.12 33.06
CA ILE A 357 -1.31 22.82 33.18
C ILE A 357 -1.11 21.84 34.34
N ILE A 358 -0.40 20.75 34.07
CA ILE A 358 -0.17 19.69 35.05
C ILE A 358 1.32 19.64 35.35
N GLN A 359 1.65 19.66 36.64
CA GLN A 359 3.04 19.65 37.11
C GLN A 359 3.80 20.86 36.59
N HIS A 360 3.26 22.06 36.85
CA HIS A 360 3.89 23.29 36.41
C HIS A 360 5.17 23.59 37.18
N ASP A 361 5.33 23.02 38.37
CA ASP A 361 6.46 23.33 39.24
C ASP A 361 7.80 22.87 38.67
N LEU A 362 7.81 22.02 37.66
CA LEU A 362 9.03 21.48 37.09
C LEU A 362 9.20 21.91 35.64
N ILE A 363 10.46 22.03 35.22
CA ILE A 363 10.81 22.42 33.86
C ILE A 363 11.25 21.18 33.10
N PHE A 364 10.68 20.97 31.92
CA PHE A 364 10.95 19.78 31.13
C PHE A 364 11.74 20.03 29.86
N SER A 365 11.66 21.22 29.29
CA SER A 365 12.26 21.50 28.00
C SER A 365 13.18 22.71 28.08
N LEU A 366 14.06 22.83 27.08
CA LEU A 366 14.95 23.98 27.01
C LEU A 366 14.18 25.27 26.83
N GLN A 367 13.14 25.25 25.97
CA GLN A 367 12.33 26.44 25.77
C GLN A 367 11.58 26.83 27.04
N GLN A 368 11.09 25.86 27.80
CA GLN A 368 10.37 26.13 29.04
C GLN A 368 11.27 26.82 30.06
N GLU B 3 -18.90 -8.96 -28.09
CA GLU B 3 -18.51 -9.73 -26.93
C GLU B 3 -18.76 -8.95 -25.64
N ASN B 4 -19.19 -7.69 -25.80
CA ASN B 4 -19.50 -6.87 -24.63
C ASN B 4 -20.78 -7.34 -23.95
N HIS B 5 -21.83 -7.59 -24.74
CA HIS B 5 -23.11 -7.99 -24.15
C HIS B 5 -23.08 -9.43 -23.67
N SER B 6 -22.43 -10.31 -24.43
CA SER B 6 -22.37 -11.73 -24.04
C SER B 6 -21.64 -11.91 -22.72
N GLU B 7 -20.53 -11.18 -22.53
CA GLU B 7 -19.77 -11.30 -21.29
C GLU B 7 -20.58 -10.82 -20.09
N ILE B 8 -21.35 -9.75 -20.26
CA ILE B 8 -22.17 -9.24 -19.16
C ILE B 8 -23.19 -10.29 -18.72
N GLU B 9 -23.82 -10.96 -19.69
CA GLU B 9 -24.76 -12.02 -19.36
C GLU B 9 -24.05 -13.17 -18.65
N ARG B 10 -22.85 -13.53 -19.12
CA ARG B 10 -22.06 -14.54 -18.40
C ARG B 10 -21.70 -14.05 -17.01
N ARG B 11 -21.32 -12.77 -16.89
CA ARG B 11 -21.00 -12.23 -15.57
C ARG B 11 -22.23 -12.19 -14.67
N ARG B 12 -23.38 -11.77 -15.21
CA ARG B 12 -24.59 -11.71 -14.41
C ARG B 12 -25.03 -13.10 -13.96
N ARG B 13 -24.98 -14.08 -14.87
CA ARG B 13 -25.39 -15.43 -14.51
C ARG B 13 -24.52 -16.01 -13.41
N ASN B 14 -23.20 -15.82 -13.51
CA ASN B 14 -22.31 -16.26 -12.45
C ASN B 14 -22.57 -15.47 -11.17
N LYS B 15 -22.89 -14.18 -11.31
CA LYS B 15 -23.32 -13.38 -10.16
C LYS B 15 -24.57 -13.96 -9.52
N MET B 16 -25.55 -14.37 -10.33
CA MET B 16 -26.75 -14.97 -9.76
C MET B 16 -26.49 -16.38 -9.25
N THR B 17 -25.70 -17.16 -9.99
CA THR B 17 -25.48 -18.56 -9.61
C THR B 17 -24.78 -18.67 -8.27
N ALA B 18 -23.76 -17.85 -8.04
CA ALA B 18 -23.05 -17.89 -6.77
C ALA B 18 -23.97 -17.52 -5.62
N TYR B 19 -24.83 -16.51 -5.82
CA TYR B 19 -25.77 -16.12 -4.78
C TYR B 19 -26.78 -17.22 -4.51
N ILE B 20 -27.14 -17.98 -5.54
CA ILE B 20 -28.03 -19.13 -5.35
C ILE B 20 -27.38 -20.14 -4.41
N THR B 21 -26.10 -20.43 -4.65
CA THR B 21 -25.39 -21.38 -3.80
C THR B 21 -25.25 -20.85 -2.38
N GLU B 22 -24.97 -19.56 -2.22
CA GLU B 22 -24.73 -19.00 -0.89
C GLU B 22 -25.98 -19.07 -0.02
N LEU B 23 -27.16 -18.81 -0.61
CA LEU B 23 -28.38 -18.83 0.18
C LEU B 23 -28.67 -20.23 0.71
N SER B 24 -28.42 -21.27 -0.11
CA SER B 24 -28.71 -22.63 0.32
C SER B 24 -27.88 -23.00 1.54
N ASP B 25 -26.60 -22.66 1.54
CA ASP B 25 -25.75 -22.92 2.70
C ASP B 25 -26.21 -22.11 3.90
N MET B 26 -26.73 -20.91 3.67
CA MET B 26 -27.10 -20.02 4.77
C MET B 26 -28.23 -20.61 5.61
N VAL B 27 -29.21 -21.25 4.97
CA VAL B 27 -30.35 -21.81 5.67
C VAL B 27 -30.09 -23.27 6.06
N PRO B 28 -30.17 -23.60 7.36
CA PRO B 28 -29.98 -25.02 7.65
C PRO B 28 -30.91 -25.91 6.85
N THR B 29 -32.19 -25.59 6.82
CA THR B 29 -33.15 -26.46 6.13
C THR B 29 -33.01 -26.35 4.62
N LYS B 36 -27.77 -31.38 -3.36
CA LYS B 36 -28.26 -30.02 -3.35
C LYS B 36 -29.63 -29.94 -4.03
N PRO B 37 -30.55 -29.19 -3.43
CA PRO B 37 -31.89 -29.06 -4.02
C PRO B 37 -31.85 -28.22 -5.29
N ASP B 38 -32.94 -28.31 -6.05
CA ASP B 38 -33.08 -27.49 -7.25
C ASP B 38 -33.28 -26.03 -6.87
N LYS B 39 -33.06 -25.15 -7.85
CA LYS B 39 -33.13 -23.71 -7.60
C LYS B 39 -34.51 -23.31 -7.09
N LEU B 40 -35.56 -23.78 -7.76
CA LEU B 40 -36.91 -23.43 -7.32
C LEU B 40 -37.17 -23.89 -5.90
N THR B 41 -36.71 -25.10 -5.55
CA THR B 41 -36.85 -25.57 -4.19
C THR B 41 -36.03 -24.71 -3.22
N ILE B 42 -34.85 -24.26 -3.63
CA ILE B 42 -34.04 -23.42 -2.76
C ILE B 42 -34.78 -22.11 -2.44
N LEU B 43 -35.31 -21.44 -3.47
CA LEU B 43 -36.04 -20.21 -3.21
C LEU B 43 -37.33 -20.46 -2.44
N ARG B 44 -38.01 -21.58 -2.68
CA ARG B 44 -39.23 -21.86 -1.94
C ARG B 44 -38.95 -22.10 -0.47
N MET B 45 -37.88 -22.84 -0.16
CA MET B 45 -37.49 -23.05 1.22
C MET B 45 -37.03 -21.75 1.86
N ALA B 46 -36.33 -20.90 1.10
CA ALA B 46 -35.95 -19.60 1.62
C ALA B 46 -37.17 -18.74 1.94
N VAL B 47 -38.18 -18.78 1.08
CA VAL B 47 -39.41 -18.03 1.33
C VAL B 47 -40.11 -18.57 2.57
N SER B 48 -40.12 -19.89 2.74
CA SER B 48 -40.69 -20.47 3.95
C SER B 48 -39.94 -20.01 5.19
N HIS B 49 -38.60 -19.96 5.12
CA HIS B 49 -37.81 -19.48 6.25
C HIS B 49 -38.12 -18.02 6.55
N MET B 50 -38.26 -17.20 5.51
CA MET B 50 -38.63 -15.80 5.70
C MET B 50 -39.99 -15.69 6.37
N LYS B 51 -40.95 -16.52 5.93
CA LYS B 51 -42.28 -16.51 6.54
C LYS B 51 -42.21 -16.89 8.01
N SER B 52 -41.33 -17.84 8.35
CA SER B 52 -41.11 -18.15 9.76
C SER B 52 -40.49 -16.97 10.50
N LEU B 53 -39.57 -16.26 9.86
CA LEU B 53 -38.85 -15.17 10.50
C LEU B 53 -39.49 -13.81 10.30
N ARG B 54 -40.60 -13.72 9.55
CA ARG B 54 -41.22 -12.41 9.32
C ARG B 54 -41.90 -11.86 10.57
N GLY B 55 -42.08 -12.67 11.60
CA GLY B 55 -42.70 -12.21 12.83
C GLY B 55 -41.70 -11.98 13.95
N PRO B 67 -40.88 -1.41 8.98
CA PRO B 67 -40.14 -2.12 7.93
C PRO B 67 -38.65 -1.82 7.98
N SER B 68 -37.94 -2.46 8.90
CA SER B 68 -36.51 -2.24 9.07
C SER B 68 -35.81 -3.58 9.23
N PHE B 69 -34.52 -3.58 8.90
CA PHE B 69 -33.75 -4.83 8.96
C PHE B 69 -33.55 -5.29 10.40
N LEU B 70 -33.40 -4.36 11.33
CA LEU B 70 -33.14 -4.70 12.72
C LEU B 70 -34.02 -3.86 13.64
N THR B 71 -34.28 -4.41 14.82
CA THR B 71 -35.06 -3.72 15.84
C THR B 71 -34.18 -2.77 16.64
N ASP B 72 -34.83 -1.95 17.48
CA ASP B 72 -34.09 -1.01 18.32
C ASP B 72 -33.22 -1.73 19.34
N GLN B 73 -33.73 -2.83 19.90
CA GLN B 73 -32.93 -3.61 20.86
C GLN B 73 -31.68 -4.17 20.20
N GLU B 74 -31.83 -4.74 19.00
CA GLU B 74 -30.68 -5.27 18.27
C GLU B 74 -29.71 -4.16 17.90
N LEU B 75 -30.23 -2.99 17.52
CA LEU B 75 -29.37 -1.86 17.17
C LEU B 75 -28.56 -1.39 18.37
N LYS B 76 -29.18 -1.31 19.55
CA LYS B 76 -28.44 -0.89 20.73
C LYS B 76 -27.43 -1.96 21.13
N HIS B 77 -27.77 -3.24 20.94
CA HIS B 77 -26.80 -4.29 21.18
C HIS B 77 -25.58 -4.12 20.28
N LEU B 78 -25.80 -3.85 19.00
CA LEU B 78 -24.69 -3.63 18.07
C LEU B 78 -23.88 -2.40 18.47
N ILE B 79 -24.56 -1.33 18.88
CA ILE B 79 -23.84 -0.09 19.22
C ILE B 79 -22.95 -0.31 20.43
N LEU B 80 -23.51 -0.88 21.50
CA LEU B 80 -22.71 -1.10 22.70
C LEU B 80 -21.72 -2.24 22.56
N GLU B 81 -21.84 -3.08 21.52
CA GLU B 81 -20.78 -4.05 21.27
C GLU B 81 -19.67 -3.44 20.43
N ALA B 82 -20.00 -2.55 19.50
CA ALA B 82 -18.98 -1.92 18.67
C ALA B 82 -18.16 -0.91 19.46
N ALA B 83 -18.82 -0.08 20.25
CA ALA B 83 -18.17 0.92 21.07
C ALA B 83 -18.76 0.89 22.47
N ASP B 84 -17.88 1.03 23.47
CA ASP B 84 -18.30 1.00 24.88
C ASP B 84 -18.95 2.33 25.21
N GLY B 85 -20.23 2.45 24.88
CA GLY B 85 -20.95 3.70 25.05
C GLY B 85 -22.21 3.51 25.88
N PHE B 86 -22.66 4.63 26.44
CA PHE B 86 -23.89 4.67 27.22
C PHE B 86 -24.64 5.95 26.86
N LEU B 87 -25.95 5.92 27.06
CA LEU B 87 -26.81 7.05 26.75
C LEU B 87 -27.11 7.84 28.02
N PHE B 88 -26.94 9.16 27.95
CA PHE B 88 -27.24 10.05 29.07
C PHE B 88 -27.90 11.31 28.53
N ILE B 89 -28.87 11.82 29.27
CA ILE B 89 -29.57 13.04 28.87
C ILE B 89 -29.33 14.15 29.87
N VAL B 100 -30.31 7.95 32.46
CA VAL B 100 -29.07 7.28 32.05
C VAL B 100 -29.32 5.81 31.77
N SER B 101 -28.43 5.20 31.00
CA SER B 101 -28.56 3.80 30.66
C SER B 101 -27.86 2.93 31.71
N ASP B 102 -28.14 1.63 31.65
CA ASP B 102 -27.54 0.68 32.58
C ASP B 102 -26.08 0.38 32.24
N SER B 103 -25.66 0.63 30.99
CA SER B 103 -24.31 0.29 30.55
C SER B 103 -23.23 1.17 31.16
N VAL B 104 -23.57 2.10 32.06
CA VAL B 104 -22.55 2.92 32.70
C VAL B 104 -21.73 2.08 33.68
N THR B 105 -22.39 1.17 34.40
CA THR B 105 -21.70 0.37 35.41
C THR B 105 -20.60 -0.52 34.82
N PRO B 106 -20.82 -1.27 33.74
CA PRO B 106 -19.74 -2.15 33.24
C PRO B 106 -18.51 -1.41 32.76
N VAL B 107 -18.62 -0.12 32.42
CA VAL B 107 -17.50 0.64 31.88
C VAL B 107 -16.96 1.64 32.91
N LEU B 108 -17.82 2.50 33.43
CA LEU B 108 -17.41 3.53 34.39
C LEU B 108 -17.40 3.04 35.83
N ASN B 109 -17.81 1.80 36.08
CA ASN B 109 -17.86 1.23 37.43
C ASN B 109 -18.73 2.06 38.36
N GLN B 110 -19.83 2.60 37.84
CA GLN B 110 -20.74 3.42 38.64
C GLN B 110 -22.18 2.99 38.42
N TYR B 121 -23.05 18.39 36.32
CA TYR B 121 -21.94 19.29 36.64
C TYR B 121 -21.08 18.71 37.77
N ASP B 122 -21.73 18.03 38.70
CA ASP B 122 -21.00 17.40 39.80
C ASP B 122 -20.23 16.17 39.32
N GLN B 123 -20.69 15.54 38.24
CA GLN B 123 -20.06 14.32 37.75
C GLN B 123 -18.88 14.57 36.82
N VAL B 124 -18.53 15.83 36.56
CA VAL B 124 -17.46 16.16 35.64
C VAL B 124 -16.31 16.81 36.40
N HIS B 125 -15.22 17.10 35.69
CA HIS B 125 -14.06 17.70 36.30
C HIS B 125 -14.37 19.12 36.78
N PRO B 126 -13.90 19.50 37.97
CA PRO B 126 -14.19 20.85 38.46
C PRO B 126 -13.70 21.96 37.56
N ASP B 127 -12.56 21.74 36.87
CA ASP B 127 -12.04 22.75 35.96
C ASP B 127 -12.76 22.74 34.61
N ASP B 128 -13.54 21.71 34.31
CA ASP B 128 -14.28 21.62 33.06
C ASP B 128 -15.73 22.05 33.20
N VAL B 129 -16.13 22.57 34.36
CA VAL B 129 -17.52 22.97 34.55
C VAL B 129 -17.86 24.15 33.63
N ASP B 130 -16.90 25.05 33.41
CA ASP B 130 -17.15 26.16 32.49
C ASP B 130 -17.36 25.67 31.07
N LYS B 131 -16.58 24.67 30.64
CA LYS B 131 -16.78 24.10 29.31
C LYS B 131 -18.12 23.39 29.21
N LEU B 132 -18.53 22.71 30.27
CA LEU B 132 -19.80 21.99 30.24
C LEU B 132 -20.98 22.95 30.21
N ARG B 133 -20.88 24.09 30.91
CA ARG B 133 -21.97 25.05 30.95
C ARG B 133 -22.25 25.62 29.56
N GLU B 134 -21.20 25.97 28.82
CA GLU B 134 -21.40 26.55 27.50
C GLU B 134 -21.83 25.52 26.48
N GLN B 135 -21.44 24.26 26.66
CA GLN B 135 -21.85 23.20 25.74
C GLN B 135 -23.31 22.82 25.95
N ARG B 172 -23.81 18.47 18.95
CA ARG B 172 -22.85 18.90 19.96
C ARG B 172 -21.82 17.80 20.22
N SER B 173 -20.58 18.19 20.48
CA SER B 173 -19.51 17.24 20.76
C SER B 173 -18.53 17.88 21.72
N PHE B 174 -18.21 17.16 22.80
CA PHE B 174 -17.26 17.65 23.78
C PHE B 174 -16.52 16.47 24.39
N ILE B 175 -15.22 16.68 24.65
CA ILE B 175 -14.36 15.68 25.27
C ILE B 175 -13.91 16.25 26.61
N CYS B 176 -14.20 15.53 27.69
CA CYS B 176 -13.87 15.98 29.03
C CYS B 176 -13.67 14.77 29.92
N ARG B 177 -13.55 15.02 31.22
CA ARG B 177 -13.32 13.99 32.21
C ARG B 177 -14.52 13.88 33.15
N MET B 178 -14.96 12.66 33.41
CA MET B 178 -16.05 12.38 34.33
C MET B 178 -15.60 11.37 35.36
N ARG B 179 -16.33 11.33 36.49
CA ARG B 179 -15.95 10.45 37.58
C ARG B 179 -16.03 8.98 37.16
N CYS B 180 -15.03 8.21 37.55
CA CYS B 180 -14.99 6.80 37.24
C CYS B 180 -15.60 5.97 38.36
N HIS B 213 -8.32 9.86 40.73
CA HIS B 213 -8.52 8.92 39.62
C HIS B 213 -9.63 9.41 38.71
N PHE B 214 -9.24 9.99 37.56
CA PHE B 214 -10.18 10.53 36.60
C PHE B 214 -10.01 9.83 35.26
N VAL B 215 -11.13 9.66 34.57
CA VAL B 215 -11.15 9.03 33.24
C VAL B 215 -11.74 10.02 32.25
N VAL B 216 -11.26 9.96 31.01
CA VAL B 216 -11.76 10.83 29.96
C VAL B 216 -12.97 10.19 29.29
N VAL B 217 -13.98 11.00 28.98
CA VAL B 217 -15.20 10.53 28.36
C VAL B 217 -15.45 11.36 27.11
N HIS B 218 -15.68 10.68 25.99
CA HIS B 218 -15.98 11.33 24.72
C HIS B 218 -17.49 11.26 24.49
N CYS B 219 -18.13 12.43 24.38
CA CYS B 219 -19.57 12.52 24.26
C CYS B 219 -19.95 13.22 22.96
N THR B 220 -20.94 12.68 22.26
CA THR B 220 -21.45 13.26 21.03
C THR B 220 -22.97 13.17 21.02
N GLY B 221 -23.61 14.22 20.51
CA GLY B 221 -25.06 14.23 20.47
C GLY B 221 -25.58 15.52 19.86
N TYR B 222 -26.90 15.69 19.94
CA TYR B 222 -27.56 16.87 19.42
C TYR B 222 -28.59 17.35 20.42
N ILE B 223 -28.92 18.63 20.34
CA ILE B 223 -29.90 19.25 21.23
C ILE B 223 -31.29 19.00 20.67
N LYS B 224 -32.17 18.46 21.50
CA LYS B 224 -33.56 18.22 21.08
C LYS B 224 -34.50 19.16 21.82
N LEU B 248 -30.69 17.92 26.24
CA LEU B 248 -29.61 17.45 25.37
C LEU B 248 -29.43 15.95 25.46
N VAL B 249 -29.55 15.28 24.31
CA VAL B 249 -29.37 13.84 24.22
C VAL B 249 -28.01 13.56 23.59
N ALA B 250 -27.24 12.69 24.24
CA ALA B 250 -25.90 12.36 23.75
C ALA B 250 -25.49 11.02 24.35
N ILE B 251 -24.46 10.43 23.75
CA ILE B 251 -23.88 9.17 24.22
C ILE B 251 -22.43 9.42 24.59
N GLY B 252 -21.91 8.58 25.47
CA GLY B 252 -20.52 8.69 25.88
C GLY B 252 -19.70 7.46 25.55
N ARG B 253 -18.75 7.60 24.63
CA ARG B 253 -17.97 6.47 24.14
C ARG B 253 -16.54 6.57 24.66
N LEU B 254 -16.02 5.46 25.15
CA LEU B 254 -14.63 5.41 25.60
C LEU B 254 -13.68 5.30 24.41
N GLN B 255 -12.65 6.14 24.42
CA GLN B 255 -11.69 6.18 23.33
C GLN B 255 -10.51 5.25 23.60
N THR B 272 13.57 2.93 35.88
CA THR B 272 14.99 2.73 35.67
C THR B 272 15.43 3.29 34.33
N GLU B 273 14.49 3.91 33.61
CA GLU B 273 14.76 4.49 32.30
C GLU B 273 14.17 5.89 32.25
N PHE B 274 14.91 6.80 31.60
CA PHE B 274 14.43 8.15 31.38
C PHE B 274 14.64 8.52 29.92
N ILE B 275 13.73 9.34 29.41
CA ILE B 275 13.75 9.75 28.01
C ILE B 275 14.11 11.23 27.95
N SER B 276 15.05 11.57 27.06
CA SER B 276 15.54 12.93 26.95
C SER B 276 15.87 13.24 25.49
N ARG B 277 15.91 14.52 25.18
CA ARG B 277 16.16 15.00 23.82
C ARG B 277 17.48 15.75 23.76
N HIS B 278 18.18 15.59 22.63
CA HIS B 278 19.42 16.31 22.37
C HIS B 278 19.39 16.85 20.96
N ASN B 279 20.20 17.88 20.73
CA ASN B 279 20.31 18.45 19.39
C ASN B 279 21.28 17.60 18.56
N ILE B 280 21.66 18.11 17.39
CA ILE B 280 22.56 17.35 16.51
C ILE B 280 23.91 17.15 17.15
N GLU B 281 24.31 18.05 18.06
CA GLU B 281 25.60 17.91 18.74
C GLU B 281 25.46 17.42 20.17
N GLY B 282 24.25 17.25 20.68
CA GLY B 282 24.07 16.59 21.96
C GLY B 282 23.64 17.48 23.11
N ILE B 283 23.35 18.74 22.84
CA ILE B 283 22.90 19.64 23.90
C ILE B 283 21.50 19.24 24.34
N PHE B 284 21.31 19.12 25.65
CA PHE B 284 20.03 18.67 26.20
C PHE B 284 18.91 19.62 25.78
N THR B 285 17.82 19.05 25.25
CA THR B 285 16.66 19.81 24.81
C THR B 285 15.42 19.52 25.63
N PHE B 286 15.29 18.31 26.16
CA PHE B 286 14.12 17.91 26.93
C PHE B 286 14.53 16.78 27.85
N VAL B 287 14.01 16.79 29.08
CA VAL B 287 14.32 15.77 30.08
C VAL B 287 13.04 15.40 30.80
N ASP B 288 12.82 14.10 31.00
CA ASP B 288 11.59 13.63 31.61
C ASP B 288 11.77 13.48 33.12
N HIS B 289 10.64 13.41 33.83
CA HIS B 289 10.65 13.25 35.28
C HIS B 289 11.38 11.99 35.73
N ARG B 290 11.47 10.97 34.88
CA ARG B 290 12.03 9.70 35.30
C ARG B 290 13.54 9.78 35.56
N CYS B 291 14.19 10.88 35.17
CA CYS B 291 15.63 10.99 35.38
C CYS B 291 15.99 11.25 36.84
N VAL B 292 15.06 11.76 37.64
CA VAL B 292 15.36 12.07 39.03
C VAL B 292 15.65 10.78 39.80
N ALA B 293 14.97 9.69 39.46
CA ALA B 293 15.23 8.39 40.08
C ALA B 293 16.30 7.60 39.34
N THR B 294 16.79 8.10 38.21
CA THR B 294 17.83 7.41 37.45
C THR B 294 19.22 7.86 37.86
N VAL B 295 19.50 9.16 37.75
CA VAL B 295 20.82 9.71 38.09
C VAL B 295 20.77 10.69 39.25
N GLY B 296 19.58 11.14 39.66
CA GLY B 296 19.44 12.06 40.77
C GLY B 296 19.47 13.53 40.39
N TYR B 297 19.95 13.87 39.20
CA TYR B 297 19.98 15.25 38.76
C TYR B 297 18.58 15.73 38.40
N GLN B 298 18.24 16.93 38.87
CA GLN B 298 17.00 17.56 38.44
C GLN B 298 17.10 17.92 36.95
N PRO B 299 15.96 17.89 36.23
CA PRO B 299 16.02 18.19 34.80
C PRO B 299 16.63 19.53 34.47
N GLN B 300 16.42 20.53 35.32
CA GLN B 300 16.95 21.87 35.05
C GLN B 300 18.47 21.86 34.96
N GLU B 301 19.14 21.17 35.87
CA GLU B 301 20.60 21.17 35.91
C GLU B 301 21.24 20.42 34.75
N LEU B 302 20.45 19.73 33.93
CA LEU B 302 20.98 19.00 32.78
C LEU B 302 20.81 19.76 31.47
N LEU B 303 19.83 20.64 31.37
CA LEU B 303 19.60 21.38 30.15
C LEU B 303 20.75 22.35 29.86
N GLY B 304 21.10 22.48 28.58
CA GLY B 304 22.11 23.41 28.15
C GLY B 304 23.53 22.90 28.24
N LYS B 305 23.74 21.71 28.82
CA LYS B 305 25.06 21.13 28.94
C LYS B 305 25.13 19.84 28.13
N ASN B 306 26.21 19.69 27.38
CA ASN B 306 26.39 18.52 26.52
C ASN B 306 26.58 17.26 27.36
N ILE B 307 26.12 16.14 26.82
CA ILE B 307 26.24 14.87 27.52
C ILE B 307 27.70 14.42 27.59
N VAL B 308 28.51 14.78 26.59
CA VAL B 308 29.91 14.35 26.58
C VAL B 308 30.66 14.93 27.78
N GLU B 309 30.40 16.19 28.11
CA GLU B 309 30.97 16.76 29.32
C GLU B 309 30.52 16.01 30.56
N PHE B 310 29.29 15.49 30.54
CA PHE B 310 28.78 14.67 31.64
C PHE B 310 29.38 13.26 31.64
N CYS B 311 30.08 12.87 30.58
CA CYS B 311 30.66 11.54 30.48
C CYS B 311 32.12 11.54 30.92
N HIS B 312 32.69 10.34 30.98
CA HIS B 312 34.07 10.20 31.35
C HIS B 312 34.97 10.73 30.23
N PRO B 313 36.10 11.37 30.58
CA PRO B 313 37.00 11.88 29.54
C PRO B 313 37.53 10.81 28.61
N GLU B 314 37.76 9.59 29.11
CA GLU B 314 38.30 8.53 28.26
C GLU B 314 37.32 8.12 27.17
N ASP B 315 36.03 8.18 27.44
CA ASP B 315 35.00 7.74 26.52
C ASP B 315 34.47 8.86 25.62
N GLN B 316 35.04 10.06 25.72
CA GLN B 316 34.49 11.20 24.98
C GLN B 316 34.68 11.03 23.47
N GLN B 317 35.79 10.42 23.06
CA GLN B 317 36.00 10.17 21.63
C GLN B 317 35.01 9.16 21.10
N LEU B 318 34.76 8.08 21.86
CA LEU B 318 33.80 7.08 21.43
C LEU B 318 32.39 7.66 21.40
N LEU B 319 32.05 8.53 22.36
CA LEU B 319 30.74 9.15 22.34
C LEU B 319 30.57 10.06 21.12
N ARG B 320 31.60 10.84 20.79
CA ARG B 320 31.52 11.67 19.59
C ARG B 320 31.38 10.82 18.34
N ASP B 321 32.14 9.73 18.25
CA ASP B 321 32.04 8.85 17.09
C ASP B 321 30.65 8.23 17.00
N SER B 322 30.07 7.83 18.14
CA SER B 322 28.73 7.25 18.13
C SER B 322 27.69 8.28 17.73
N PHE B 323 27.83 9.53 18.19
CA PHE B 323 26.88 10.57 17.77
C PHE B 323 26.97 10.84 16.28
N GLN B 324 28.19 10.91 15.74
CA GLN B 324 28.35 11.07 14.30
C GLN B 324 27.72 9.89 13.56
N GLN B 325 27.91 8.67 14.08
CA GLN B 325 27.31 7.50 13.47
C GLN B 325 25.78 7.58 13.51
N VAL B 326 25.22 8.01 14.64
CA VAL B 326 23.78 8.10 14.77
C VAL B 326 23.22 9.09 13.76
N VAL B 327 23.88 10.25 13.62
CA VAL B 327 23.42 11.24 12.65
C VAL B 327 23.54 10.70 11.23
N LYS B 328 24.63 9.97 10.94
CA LYS B 328 24.87 9.52 9.58
C LYS B 328 23.92 8.41 9.17
N LEU B 329 23.59 7.49 10.10
CA LEU B 329 22.76 6.34 9.75
C LEU B 329 21.34 6.71 9.38
N LYS B 330 20.86 7.87 9.80
CA LYS B 330 19.50 8.35 9.48
C LYS B 330 18.44 7.42 10.05
N GLY B 331 18.41 7.32 11.39
CA GLY B 331 17.31 6.69 12.08
C GLY B 331 17.54 5.29 12.61
N GLN B 332 18.74 4.75 12.48
CA GLN B 332 19.06 3.43 13.03
C GLN B 332 19.58 3.60 14.46
N VAL B 333 18.89 2.95 15.40
CA VAL B 333 19.25 3.08 16.82
C VAL B 333 20.64 2.50 17.05
N LEU B 334 21.35 3.07 18.02
CA LEU B 334 22.68 2.61 18.39
C LEU B 334 22.76 2.53 19.90
N SER B 335 23.23 1.39 20.41
CA SER B 335 23.39 1.17 21.84
C SER B 335 24.87 1.26 22.20
N VAL B 336 25.18 2.11 23.18
CA VAL B 336 26.57 2.35 23.59
C VAL B 336 26.63 2.28 25.11
N MET B 337 27.59 1.52 25.62
CA MET B 337 27.84 1.40 27.05
C MET B 337 28.83 2.46 27.48
N PHE B 338 28.50 3.21 28.53
CA PHE B 338 29.35 4.30 28.99
C PHE B 338 29.03 4.60 30.45
N ARG B 339 29.84 5.47 31.04
CA ARG B 339 29.74 5.81 32.45
C ARG B 339 29.02 7.14 32.61
N PHE B 340 27.99 7.16 33.45
CA PHE B 340 27.20 8.35 33.73
C PHE B 340 27.45 8.78 35.17
N ARG B 341 27.85 10.03 35.35
CA ARG B 341 28.12 10.55 36.69
C ARG B 341 26.81 10.96 37.37
N SER B 342 26.70 10.66 38.66
CA SER B 342 25.51 11.01 39.42
C SER B 342 25.73 12.35 40.12
N LYS B 343 24.72 12.78 40.88
CA LYS B 343 24.87 13.97 41.70
C LYS B 343 25.95 13.79 42.76
N ASN B 344 26.11 12.57 43.27
CA ASN B 344 27.14 12.23 44.24
C ASN B 344 28.47 11.88 43.57
N GLN B 345 28.60 12.19 42.28
CA GLN B 345 29.79 11.91 41.47
C GLN B 345 30.05 10.42 41.29
N GLU B 346 29.17 9.56 41.81
CA GLU B 346 29.34 8.13 41.65
C GLU B 346 29.10 7.72 40.20
N TRP B 347 30.03 6.96 39.64
CA TRP B 347 29.94 6.52 38.25
C TRP B 347 29.01 5.32 38.15
N LEU B 348 27.99 5.42 37.31
CA LEU B 348 27.07 4.31 37.05
C LEU B 348 27.18 3.90 35.58
N TRP B 349 27.14 2.59 35.34
CA TRP B 349 27.14 2.08 33.97
C TRP B 349 25.79 2.39 33.34
N MET B 350 25.83 3.01 32.16
CA MET B 350 24.63 3.44 31.46
C MET B 350 24.68 2.99 30.01
N ARG B 351 23.52 2.70 29.44
CA ARG B 351 23.39 2.39 28.02
C ARG B 351 22.58 3.49 27.35
N THR B 352 22.96 3.84 26.13
CA THR B 352 22.35 4.93 25.39
C THR B 352 21.73 4.38 24.12
N SER B 353 20.45 4.67 23.90
CA SER B 353 19.74 4.31 22.68
C SER B 353 19.32 5.60 21.98
N SER B 354 20.19 6.09 21.09
CA SER B 354 19.97 7.36 20.41
C SER B 354 19.78 7.13 18.92
N PHE B 355 18.66 7.62 18.40
CA PHE B 355 18.40 7.53 16.97
C PHE B 355 17.80 8.85 16.49
N THR B 356 18.21 9.28 15.31
CA THR B 356 17.75 10.55 14.77
C THR B 356 16.26 10.52 14.48
N PHE B 357 15.60 11.65 14.71
CA PHE B 357 14.18 11.82 14.44
C PHE B 357 14.02 12.70 13.22
N GLN B 358 13.42 12.14 12.17
CA GLN B 358 13.23 12.86 10.91
C GLN B 358 11.76 13.28 10.76
N ASN B 359 11.57 14.37 10.04
CA ASN B 359 10.22 14.81 9.74
C ASN B 359 9.53 13.77 8.85
N PRO B 360 8.26 13.47 9.08
CA PRO B 360 7.57 12.47 8.25
C PRO B 360 7.50 12.83 6.78
N TYR B 361 7.51 14.12 6.45
CA TYR B 361 7.43 14.56 5.06
C TYR B 361 8.78 14.91 4.46
N SER B 362 9.49 15.85 5.10
CA SER B 362 10.73 16.38 4.54
C SER B 362 11.96 15.59 4.95
N ASP B 363 11.83 14.63 5.86
CA ASP B 363 12.95 13.82 6.36
C ASP B 363 14.05 14.68 6.97
N GLU B 364 13.69 15.80 7.58
CA GLU B 364 14.67 16.68 8.19
C GLU B 364 14.96 16.25 9.63
N ILE B 365 16.24 16.24 9.98
CA ILE B 365 16.66 15.83 11.32
C ILE B 365 16.17 16.88 12.31
N GLU B 366 15.19 16.53 13.14
CA GLU B 366 14.69 17.45 14.15
C GLU B 366 15.55 17.38 15.41
N TYR B 367 15.72 16.17 15.95
CA TYR B 367 16.56 15.95 17.12
C TYR B 367 16.86 14.47 17.22
N ILE B 368 17.49 14.08 18.32
CA ILE B 368 17.79 12.67 18.60
C ILE B 368 17.08 12.27 19.88
N ILE B 369 16.31 11.19 19.82
CA ILE B 369 15.64 10.66 21.00
C ILE B 369 16.60 9.70 21.69
N CYS B 370 16.83 9.95 22.98
CA CYS B 370 17.84 9.22 23.75
C CYS B 370 17.19 8.60 24.97
N THR B 371 17.02 7.29 24.95
CA THR B 371 16.51 6.52 26.09
C THR B 371 17.68 5.82 26.76
N ASN B 372 17.79 5.94 28.07
CA ASN B 372 18.92 5.41 28.81
C ASN B 372 18.45 4.45 29.89
N THR B 373 19.06 3.27 29.93
CA THR B 373 18.75 2.24 30.91
C THR B 373 19.99 1.96 31.76
N ASN B 374 19.81 1.97 33.08
CA ASN B 374 20.91 1.67 33.98
C ASN B 374 20.90 0.18 34.32
N VAL B 375 22.04 -0.46 34.12
CA VAL B 375 22.17 -1.89 34.40
C VAL B 375 23.31 -2.12 35.40
N ARG C 30 -28.24 42.07 -37.04
CA ARG C 30 -27.24 42.25 -36.00
C ARG C 30 -27.08 40.99 -35.17
N LYS C 31 -28.05 40.75 -34.28
CA LYS C 31 -28.02 39.52 -33.48
C LYS C 31 -28.15 38.29 -34.37
N GLU C 32 -29.02 38.36 -35.38
CA GLU C 32 -29.11 37.28 -36.36
C GLU C 32 -27.81 37.13 -37.12
N LYS C 33 -27.18 38.26 -37.50
CA LYS C 33 -25.86 38.20 -38.11
C LYS C 33 -24.84 37.64 -37.13
N SER C 34 -24.94 38.03 -35.85
CA SER C 34 -24.07 37.43 -34.83
C SER C 34 -24.33 35.94 -34.71
N ARG C 35 -25.60 35.52 -34.76
CA ARG C 35 -25.91 34.11 -34.76
C ARG C 35 -25.34 33.42 -36.00
N ASP C 36 -25.47 34.06 -37.17
CA ASP C 36 -24.93 33.49 -38.39
C ASP C 36 -23.41 33.43 -38.35
N ALA C 37 -22.77 34.43 -37.72
CA ALA C 37 -21.32 34.39 -37.56
C ALA C 37 -20.89 33.21 -36.71
N ALA C 38 -21.66 32.91 -35.65
CA ALA C 38 -21.35 31.75 -34.82
C ALA C 38 -21.43 30.46 -35.61
N ARG C 39 -22.48 30.31 -36.42
CA ARG C 39 -22.56 29.14 -37.29
C ARG C 39 -21.44 29.14 -38.33
N SER C 40 -21.10 30.33 -38.85
CA SER C 40 -20.03 30.42 -39.83
C SER C 40 -18.68 30.04 -39.22
N ARG C 41 -18.42 30.47 -37.99
CA ARG C 41 -17.13 30.16 -37.36
C ARG C 41 -17.02 28.68 -37.01
N ARG C 42 -18.14 28.04 -36.68
CA ARG C 42 -18.11 26.62 -36.40
C ARG C 42 -17.89 25.81 -37.68
N SER C 43 -18.38 26.32 -38.81
CA SER C 43 -18.18 25.64 -40.08
C SER C 43 -16.68 25.52 -40.41
N LYS C 44 -15.94 26.62 -40.22
CA LYS C 44 -14.49 26.53 -40.39
C LYS C 44 -13.83 25.82 -39.22
N GLU C 45 -14.42 25.92 -38.03
CA GLU C 45 -13.88 25.18 -36.88
C GLU C 45 -14.00 23.68 -37.09
N SER C 46 -15.15 23.22 -37.59
CA SER C 46 -15.34 21.78 -37.79
C SER C 46 -14.61 21.28 -39.03
N GLU C 47 -14.46 22.10 -40.06
CA GLU C 47 -13.82 21.64 -41.28
C GLU C 47 -12.32 21.41 -41.08
N VAL C 48 -11.67 22.25 -40.27
CA VAL C 48 -10.25 22.06 -40.01
C VAL C 48 -10.04 20.80 -39.17
N PHE C 49 -10.92 20.56 -38.20
CA PHE C 49 -10.83 19.34 -37.40
C PHE C 49 -11.01 18.10 -38.27
N TYR C 50 -11.92 18.18 -39.25
CA TYR C 50 -12.18 17.04 -40.12
C TYR C 50 -10.95 16.70 -40.97
N GLU C 51 -10.30 17.71 -41.54
CA GLU C 51 -9.15 17.47 -42.39
C GLU C 51 -7.88 17.24 -41.58
N LEU C 52 -7.81 17.78 -40.36
CA LEU C 52 -6.64 17.52 -39.50
C LEU C 52 -6.51 16.04 -39.20
N ALA C 53 -7.62 15.37 -38.93
CA ALA C 53 -7.58 13.93 -38.64
C ALA C 53 -7.13 13.13 -39.86
N HIS C 54 -7.37 13.66 -41.06
CA HIS C 54 -6.97 12.93 -42.27
C HIS C 54 -5.46 12.81 -42.38
N GLN C 55 -4.73 13.87 -42.00
CA GLN C 55 -3.28 13.85 -42.15
C GLN C 55 -2.61 12.88 -41.19
N LEU C 56 -3.20 12.66 -40.02
CA LEU C 56 -2.60 11.75 -39.07
C LEU C 56 -2.56 10.34 -39.64
N PRO C 57 -1.47 9.60 -39.44
CA PRO C 57 -1.38 8.24 -40.00
C PRO C 57 -2.29 7.26 -39.27
N LEU C 58 -3.60 7.39 -39.49
CA LEU C 58 -4.62 6.57 -38.87
C LEU C 58 -5.50 5.97 -39.94
N PRO C 59 -6.19 4.87 -39.66
CA PRO C 59 -7.16 4.33 -40.61
C PRO C 59 -8.26 5.34 -40.90
N HIS C 60 -8.70 5.37 -42.16
CA HIS C 60 -9.70 6.34 -42.56
C HIS C 60 -11.04 6.09 -41.88
N ASN C 61 -11.39 4.82 -41.66
CA ASN C 61 -12.61 4.51 -40.93
C ASN C 61 -12.56 4.97 -39.48
N VAL C 62 -11.37 5.15 -38.93
CA VAL C 62 -11.22 5.66 -37.56
C VAL C 62 -11.06 7.18 -37.55
N SER C 63 -10.27 7.72 -38.47
CA SER C 63 -9.99 9.15 -38.48
C SER C 63 -11.24 9.98 -38.70
N SER C 64 -12.13 9.54 -39.59
CA SER C 64 -13.35 10.30 -39.85
C SER C 64 -14.31 10.25 -38.65
N HIS C 65 -14.17 9.25 -37.79
CA HIS C 65 -15.07 9.08 -36.65
C HIS C 65 -14.52 9.67 -35.36
N LEU C 66 -13.36 10.32 -35.40
CA LEU C 66 -12.75 10.84 -34.20
C LEU C 66 -13.31 12.22 -33.85
N ASP C 67 -13.58 12.42 -32.56
CA ASP C 67 -14.03 13.72 -32.07
C ASP C 67 -12.84 14.67 -31.91
N LYS C 68 -13.15 15.91 -31.52
CA LYS C 68 -12.12 16.94 -31.47
C LYS C 68 -11.07 16.65 -30.41
N ALA C 69 -11.50 16.24 -29.22
CA ALA C 69 -10.53 15.99 -28.15
C ALA C 69 -9.57 14.88 -28.52
N SER C 70 -10.08 13.80 -29.10
CA SER C 70 -9.23 12.67 -29.46
C SER C 70 -8.24 13.05 -30.54
N VAL C 71 -8.67 13.79 -31.57
CA VAL C 71 -7.75 14.15 -32.64
C VAL C 71 -6.71 15.13 -32.14
N MET C 72 -7.10 16.05 -31.26
CA MET C 72 -6.12 16.98 -30.70
C MET C 72 -5.08 16.24 -29.88
N ARG C 73 -5.53 15.31 -29.03
CA ARG C 73 -4.59 14.52 -28.24
C ARG C 73 -3.66 13.70 -29.13
N LEU C 74 -4.21 13.09 -30.18
CA LEU C 74 -3.37 12.29 -31.08
C LEU C 74 -2.33 13.15 -31.77
N THR C 75 -2.73 14.34 -32.24
CA THR C 75 -1.78 15.22 -32.91
C THR C 75 -0.69 15.69 -31.95
N ILE C 76 -1.08 16.08 -30.73
CA ILE C 76 -0.08 16.51 -29.74
C ILE C 76 0.91 15.39 -29.47
N SER C 77 0.40 14.18 -29.26
CA SER C 77 1.27 13.05 -28.94
C SER C 77 2.18 12.71 -30.11
N TYR C 78 1.63 12.73 -31.32
CA TYR C 78 2.44 12.46 -32.49
C TYR C 78 3.58 13.45 -32.55
N LEU C 79 3.26 14.73 -32.47
CA LEU C 79 4.28 15.77 -32.57
C LEU C 79 5.34 15.59 -31.49
N ARG C 80 4.93 15.19 -30.29
CA ARG C 80 5.90 14.95 -29.22
C ARG C 80 6.82 13.78 -29.56
N VAL C 81 6.27 12.71 -30.12
CA VAL C 81 7.11 11.58 -30.53
C VAL C 81 8.08 12.00 -31.61
N ARG C 82 7.62 12.79 -32.59
CA ARG C 82 8.52 13.24 -33.65
C ARG C 82 9.63 14.11 -33.08
N LYS C 83 9.29 15.01 -32.16
CA LYS C 83 10.31 15.86 -31.54
C LYS C 83 11.30 15.02 -30.74
N LEU C 84 10.82 14.00 -30.05
CA LEU C 84 11.72 13.12 -29.31
C LEU C 84 12.66 12.37 -30.26
N LEU C 85 12.12 11.87 -31.37
CA LEU C 85 12.93 11.05 -32.27
C LEU C 85 13.97 11.88 -33.00
N ASP C 86 13.56 13.03 -33.56
CA ASP C 86 14.50 13.82 -34.34
C ASP C 86 15.52 14.54 -33.46
N ALA C 87 15.33 14.55 -32.15
CA ALA C 87 16.28 15.18 -31.24
C ALA C 87 16.68 14.23 -30.12
N MET C 100 13.70 -7.37 -41.39
CA MET C 100 14.23 -7.68 -40.06
C MET C 100 13.94 -6.56 -39.05
N ASN C 101 13.75 -5.34 -39.58
CA ASN C 101 13.48 -4.20 -38.73
C ASN C 101 12.13 -4.34 -38.03
N CYS C 102 11.11 -4.81 -38.75
CA CYS C 102 9.77 -4.92 -38.18
C CYS C 102 9.65 -6.05 -37.16
N PHE C 103 10.59 -6.99 -37.15
CA PHE C 103 10.54 -8.11 -36.22
C PHE C 103 10.90 -7.73 -34.80
N TYR C 104 11.39 -6.50 -34.58
CA TYR C 104 11.74 -6.07 -33.22
C TYR C 104 10.53 -6.05 -32.31
N LEU C 105 9.40 -5.55 -32.81
CA LEU C 105 8.20 -5.49 -31.98
C LEU C 105 7.60 -6.87 -31.75
N LYS C 106 7.50 -7.66 -32.83
CA LYS C 106 6.82 -8.95 -32.72
C LYS C 106 7.57 -9.92 -31.84
N ALA C 107 8.91 -9.86 -31.84
CA ALA C 107 9.69 -10.77 -31.01
C ALA C 107 9.44 -10.54 -29.53
N LEU C 108 9.29 -9.28 -29.13
CA LEU C 108 9.04 -8.96 -27.73
C LEU C 108 7.70 -9.53 -27.29
N ASP C 109 7.66 -9.98 -26.03
CA ASP C 109 6.42 -10.38 -25.37
C ASP C 109 5.79 -9.24 -24.62
N GLY C 110 6.12 -8.00 -24.98
CA GLY C 110 5.58 -6.82 -24.35
C GLY C 110 5.46 -5.69 -25.35
N PHE C 111 4.91 -4.57 -24.89
CA PHE C 111 4.68 -3.41 -25.73
C PHE C 111 5.50 -2.24 -25.22
N VAL C 112 6.17 -1.55 -26.14
CA VAL C 112 7.00 -0.42 -25.78
C VAL C 112 6.10 0.76 -25.39
N MET C 113 6.44 1.42 -24.29
CA MET C 113 5.61 2.43 -23.69
C MET C 113 6.45 3.67 -23.42
N VAL C 114 5.90 4.85 -23.67
CA VAL C 114 6.60 6.11 -23.49
C VAL C 114 5.83 6.97 -22.52
N LEU C 115 6.54 7.58 -21.56
CA LEU C 115 5.95 8.51 -20.62
C LEU C 115 6.79 9.77 -20.54
N THR C 116 6.14 10.92 -20.44
CA THR C 116 6.82 12.17 -20.21
C THR C 116 7.05 12.38 -18.71
N ASP C 117 7.64 13.53 -18.37
CA ASP C 117 7.78 13.89 -16.96
C ASP C 117 6.42 14.14 -16.32
N ASP C 118 5.41 14.48 -17.11
CA ASP C 118 4.08 14.76 -16.61
C ASP C 118 3.14 13.57 -16.67
N GLY C 119 3.53 12.49 -17.33
CA GLY C 119 2.69 11.31 -17.41
C GLY C 119 1.88 11.16 -18.69
N ASP C 120 2.23 11.86 -19.75
CA ASP C 120 1.52 11.72 -21.02
C ASP C 120 1.93 10.43 -21.71
N MET C 121 0.93 9.67 -22.18
CA MET C 121 1.16 8.37 -22.81
C MET C 121 1.44 8.57 -24.30
N ILE C 122 2.50 9.34 -24.57
CA ILE C 122 2.66 9.93 -25.90
C ILE C 122 2.82 8.90 -27.01
N TYR C 123 3.15 7.66 -26.70
CA TYR C 123 3.30 6.65 -27.74
C TYR C 123 3.13 5.25 -27.15
N ILE C 124 2.36 4.41 -27.82
CA ILE C 124 2.20 3.01 -27.46
C ILE C 124 2.28 2.18 -28.74
N SER C 125 3.04 1.09 -28.70
CA SER C 125 3.09 0.21 -29.85
C SER C 125 1.73 -0.44 -30.08
N ASP C 126 1.45 -0.77 -31.34
CA ASP C 126 0.11 -1.18 -31.75
C ASP C 126 -0.29 -2.55 -31.20
N ASN C 127 0.62 -3.30 -30.59
CA ASN C 127 0.28 -4.60 -30.03
C ASN C 127 -0.23 -4.51 -28.59
N VAL C 128 -0.64 -3.34 -28.13
CA VAL C 128 -1.22 -3.21 -26.80
C VAL C 128 -2.56 -3.94 -26.72
N ASN C 129 -3.34 -3.93 -27.81
CA ASN C 129 -4.65 -4.56 -27.78
C ASN C 129 -4.56 -6.06 -27.53
N LYS C 130 -3.40 -6.66 -27.79
CA LYS C 130 -3.23 -8.08 -27.54
C LYS C 130 -3.19 -8.39 -26.05
N TYR C 131 -2.70 -7.47 -25.23
CA TYR C 131 -2.49 -7.73 -23.81
C TYR C 131 -3.54 -7.07 -22.92
N MET C 132 -3.69 -5.75 -22.99
CA MET C 132 -4.70 -5.03 -22.23
C MET C 132 -6.05 -4.95 -22.93
N GLY C 133 -6.10 -5.13 -24.24
CA GLY C 133 -7.34 -5.02 -24.99
C GLY C 133 -7.70 -3.59 -25.36
N LEU C 134 -7.20 -2.63 -24.61
CA LEU C 134 -7.38 -1.23 -24.97
C LEU C 134 -6.58 -0.92 -26.23
N THR C 135 -7.24 -0.39 -27.24
CA THR C 135 -6.56 -0.08 -28.49
C THR C 135 -5.63 1.11 -28.29
N GLN C 136 -4.68 1.24 -29.23
CA GLN C 136 -3.70 2.32 -29.13
C GLN C 136 -4.38 3.68 -29.18
N PHE C 137 -5.37 3.85 -30.06
CA PHE C 137 -6.04 5.14 -30.19
C PHE C 137 -6.85 5.49 -28.95
N GLU C 138 -7.25 4.48 -28.17
CA GLU C 138 -7.94 4.74 -26.91
C GLU C 138 -6.98 5.11 -25.79
N LEU C 139 -5.68 4.92 -25.98
CA LEU C 139 -4.69 5.13 -24.94
C LEU C 139 -3.74 6.28 -25.22
N THR C 140 -3.40 6.52 -26.49
CA THR C 140 -2.41 7.53 -26.81
C THR C 140 -2.86 8.90 -26.34
N GLY C 141 -1.96 9.61 -25.65
CA GLY C 141 -2.22 10.95 -25.19
C GLY C 141 -2.84 11.05 -23.81
N HIS C 142 -3.44 9.99 -23.31
CA HIS C 142 -4.06 10.04 -22.00
C HIS C 142 -3.00 10.04 -20.90
N SER C 143 -3.38 10.57 -19.74
CA SER C 143 -2.47 10.59 -18.61
C SER C 143 -2.33 9.19 -18.01
N VAL C 144 -1.09 8.80 -17.71
CA VAL C 144 -0.82 7.47 -17.18
C VAL C 144 -1.48 7.28 -15.82
N PHE C 145 -1.81 8.37 -15.13
CA PHE C 145 -2.48 8.25 -13.85
C PHE C 145 -3.97 7.94 -14.00
N ASP C 146 -4.48 7.99 -15.23
CA ASP C 146 -5.87 7.59 -15.49
C ASP C 146 -6.02 6.11 -15.78
N PHE C 147 -4.92 5.40 -16.07
CA PHE C 147 -4.96 3.98 -16.39
C PHE C 147 -3.99 3.19 -15.50
N THR C 148 -4.01 3.47 -14.20
CA THR C 148 -3.13 2.84 -13.24
C THR C 148 -3.83 2.78 -11.89
N HIS C 149 -3.63 1.68 -11.16
CA HIS C 149 -4.23 1.54 -9.85
C HIS C 149 -3.77 2.69 -8.96
N PRO C 150 -4.66 3.23 -8.11
CA PRO C 150 -4.31 4.46 -7.37
C PRO C 150 -3.12 4.31 -6.44
N CYS C 151 -2.71 3.11 -6.07
CA CYS C 151 -1.57 2.93 -5.19
C CYS C 151 -0.24 2.86 -5.93
N ASP C 152 -0.25 2.78 -7.25
CA ASP C 152 0.99 2.79 -8.03
C ASP C 152 1.34 4.17 -8.54
N HIS C 153 0.53 5.20 -8.23
CA HIS C 153 0.87 6.56 -8.64
C HIS C 153 2.13 7.04 -7.95
N GLU C 154 2.29 6.72 -6.67
CA GLU C 154 3.47 7.17 -5.93
C GLU C 154 4.74 6.56 -6.50
N GLU C 155 4.72 5.26 -6.80
CA GLU C 155 5.87 4.63 -7.41
C GLU C 155 6.15 5.23 -8.79
N MET C 156 5.09 5.56 -9.53
CA MET C 156 5.27 6.23 -10.82
C MET C 156 5.97 7.57 -10.64
N ARG C 157 5.54 8.36 -9.66
CA ARG C 157 6.16 9.66 -9.44
C ARG C 157 7.62 9.52 -9.05
N GLU C 158 7.94 8.58 -8.17
CA GLU C 158 9.34 8.37 -7.79
C GLU C 158 10.18 7.88 -8.96
N MET C 159 9.63 6.99 -9.79
CA MET C 159 10.43 6.43 -10.88
C MET C 159 10.62 7.42 -12.02
N LEU C 160 9.64 8.29 -12.26
CA LEU C 160 9.77 9.27 -13.35
C LEU C 160 10.70 10.41 -12.96
N THR C 161 10.76 10.75 -11.68
CA THR C 161 11.54 11.90 -11.23
C THR C 161 13.03 11.65 -11.45
N HIS C 162 13.72 12.63 -12.01
CA HIS C 162 15.15 12.54 -12.26
C HIS C 162 15.86 13.85 -11.96
N ASN C 174 21.79 7.04 -11.21
CA ASN C 174 21.47 6.00 -12.18
C ASN C 174 20.21 6.32 -12.97
N THR C 175 20.11 5.76 -14.17
CA THR C 175 18.96 5.98 -15.04
C THR C 175 18.11 4.74 -15.24
N GLN C 176 18.61 3.56 -14.86
CA GLN C 176 17.84 2.33 -15.02
C GLN C 176 16.62 2.33 -14.12
N ARG C 177 15.55 1.68 -14.59
CA ARG C 177 14.31 1.59 -13.83
C ARG C 177 13.80 0.16 -13.90
N SER C 178 13.14 -0.26 -12.82
CA SER C 178 12.50 -1.57 -12.77
C SER C 178 11.43 -1.52 -11.69
N PHE C 179 10.16 -1.56 -12.10
CA PHE C 179 9.07 -1.45 -11.16
C PHE C 179 7.86 -2.21 -11.71
N PHE C 180 6.92 -2.49 -10.83
CA PHE C 180 5.70 -3.22 -11.18
C PHE C 180 4.52 -2.26 -11.16
N LEU C 181 3.73 -2.28 -12.23
CA LEU C 181 2.68 -1.31 -12.48
C LEU C 181 1.37 -2.03 -12.75
N ARG C 182 0.31 -1.62 -12.05
CA ARG C 182 -1.02 -2.20 -12.23
C ARG C 182 -1.79 -1.39 -13.26
N MET C 183 -1.73 -1.81 -14.52
CA MET C 183 -2.39 -1.10 -15.61
C MET C 183 -3.71 -1.79 -15.94
N LYS C 184 -4.70 -0.99 -16.32
CA LYS C 184 -6.04 -1.53 -16.57
C LYS C 184 -6.02 -2.49 -17.76
N CYS C 185 -6.76 -3.58 -17.61
CA CYS C 185 -6.88 -4.61 -18.64
C CYS C 185 -8.35 -4.83 -18.96
N THR C 186 -8.66 -4.96 -20.25
CA THR C 186 -10.02 -5.17 -20.72
C THR C 186 -10.21 -6.53 -21.36
N LEU C 187 -9.32 -7.47 -21.09
CA LEU C 187 -9.42 -8.82 -21.65
C LEU C 187 -9.88 -9.80 -20.58
N THR C 188 -10.82 -10.65 -20.95
CA THR C 188 -11.17 -11.81 -20.14
C THR C 188 -10.20 -12.94 -20.46
N SER C 189 -10.31 -14.04 -19.70
CA SER C 189 -9.44 -15.17 -19.94
C SER C 189 -9.66 -15.80 -21.30
N ARG C 190 -10.83 -15.59 -21.91
CA ARG C 190 -11.17 -16.15 -23.21
C ARG C 190 -10.86 -15.21 -24.36
N GLY C 191 -10.29 -14.03 -24.09
CA GLY C 191 -9.93 -13.11 -25.14
C GLY C 191 -11.01 -12.11 -25.53
N ARG C 192 -12.14 -12.10 -24.84
CA ARG C 192 -13.20 -11.15 -25.15
C ARG C 192 -12.81 -9.74 -24.69
N THR C 193 -13.26 -8.74 -25.43
CA THR C 193 -13.10 -7.36 -25.02
C THR C 193 -14.23 -6.96 -24.08
N MET C 194 -14.02 -5.85 -23.38
CA MET C 194 -15.00 -5.35 -22.43
C MET C 194 -14.73 -3.86 -22.23
N ASN C 195 -15.80 -3.10 -22.02
CA ASN C 195 -15.66 -1.66 -21.85
C ASN C 195 -14.98 -1.35 -20.51
N ILE C 196 -14.68 -0.07 -20.29
CA ILE C 196 -13.98 0.36 -19.09
C ILE C 196 -14.79 0.06 -17.84
N LYS C 197 -16.12 -0.01 -17.96
CA LYS C 197 -16.96 -0.12 -16.78
C LYS C 197 -16.69 -1.37 -15.96
N SER C 198 -16.08 -2.40 -16.57
CA SER C 198 -15.77 -3.62 -15.86
C SER C 198 -14.38 -4.15 -16.22
N ALA C 199 -13.43 -3.24 -16.45
CA ALA C 199 -12.07 -3.66 -16.74
C ALA C 199 -11.37 -4.12 -15.46
N THR C 200 -10.56 -5.16 -15.58
CA THR C 200 -9.82 -5.72 -14.46
C THR C 200 -8.37 -5.26 -14.51
N TRP C 201 -7.64 -5.57 -13.44
CA TRP C 201 -6.27 -5.10 -13.28
C TRP C 201 -5.26 -6.19 -13.67
N LYS C 202 -4.15 -5.76 -14.25
CA LYS C 202 -3.05 -6.65 -14.59
C LYS C 202 -1.74 -5.99 -14.20
N VAL C 203 -0.83 -6.78 -13.63
CA VAL C 203 0.46 -6.29 -13.18
C VAL C 203 1.47 -6.45 -14.31
N LEU C 204 2.20 -5.38 -14.60
CA LEU C 204 3.14 -5.33 -15.71
C LEU C 204 4.55 -5.08 -15.18
N HIS C 205 5.50 -5.90 -15.62
CA HIS C 205 6.91 -5.76 -15.23
C HIS C 205 7.56 -4.74 -16.15
N CYS C 206 7.75 -3.53 -15.65
CA CYS C 206 8.20 -2.40 -16.45
C CYS C 206 9.69 -2.18 -16.29
N THR C 207 10.41 -2.18 -17.40
CA THR C 207 11.84 -1.91 -17.41
C THR C 207 12.16 -0.90 -18.50
N GLY C 208 13.00 0.07 -18.17
CA GLY C 208 13.36 1.09 -19.15
C GLY C 208 14.34 2.08 -18.55
N HIS C 209 14.78 3.00 -19.41
CA HIS C 209 15.78 3.99 -19.03
C HIS C 209 15.23 5.39 -19.29
N ILE C 210 15.46 6.29 -18.34
CA ILE C 210 15.12 7.69 -18.51
C ILE C 210 16.19 8.37 -19.35
N HIS C 211 15.77 9.11 -20.37
CA HIS C 211 16.69 9.83 -21.24
C HIS C 211 16.38 11.32 -21.18
N VAL C 212 17.43 12.14 -21.27
CA VAL C 212 17.30 13.58 -21.19
C VAL C 212 17.67 14.17 -22.53
N TYR C 213 16.71 14.82 -23.18
CA TYR C 213 16.95 15.50 -24.46
C TYR C 213 16.83 17.00 -24.30
N MET C 229 13.75 18.57 -22.44
CA MET C 229 12.63 17.65 -22.49
C MET C 229 13.14 16.24 -22.19
N THR C 230 12.49 15.58 -21.23
CA THR C 230 12.91 14.27 -20.74
C THR C 230 11.71 13.33 -20.72
N CYS C 231 11.89 12.13 -21.26
CA CYS C 231 10.85 11.11 -21.27
C CYS C 231 11.44 9.77 -20.85
N LEU C 232 10.56 8.89 -20.38
CA LEU C 232 10.95 7.55 -19.96
C LEU C 232 10.35 6.54 -20.93
N VAL C 233 11.20 5.72 -21.53
CA VAL C 233 10.77 4.67 -22.44
C VAL C 233 10.66 3.37 -21.66
N LEU C 234 9.50 2.75 -21.71
CA LEU C 234 9.23 1.55 -20.92
C LEU C 234 8.88 0.39 -21.85
N ILE C 235 9.19 -0.83 -21.38
CA ILE C 235 8.67 -2.06 -21.96
C ILE C 235 7.89 -2.76 -20.86
N CYS C 236 6.58 -2.84 -21.02
CA CYS C 236 5.72 -3.50 -20.06
C CYS C 236 5.45 -4.92 -20.53
N GLU C 237 5.61 -5.88 -19.62
CA GLU C 237 5.38 -7.27 -19.94
C GLU C 237 4.38 -7.87 -18.96
N PRO C 238 3.58 -8.83 -19.39
CA PRO C 238 2.68 -9.51 -18.44
C PRO C 238 3.41 -10.60 -17.68
N ILE C 239 2.87 -10.89 -16.49
CA ILE C 239 3.32 -12.03 -15.70
C ILE C 239 2.34 -13.18 -15.95
N PRO C 240 2.76 -14.24 -16.65
CA PRO C 240 1.82 -15.31 -17.00
C PRO C 240 1.22 -15.94 -15.75
N HIS C 241 -0.07 -16.22 -15.80
CA HIS C 241 -0.74 -16.87 -14.70
C HIS C 241 -0.39 -18.35 -14.69
N PRO C 242 0.20 -18.88 -13.62
CA PRO C 242 0.61 -20.29 -13.62
C PRO C 242 -0.54 -21.25 -13.87
N SER C 243 -1.76 -20.86 -13.53
CA SER C 243 -2.93 -21.70 -13.81
C SER C 243 -3.38 -21.63 -15.27
N ASN C 244 -2.87 -20.68 -16.05
CA ASN C 244 -3.18 -20.54 -17.46
C ASN C 244 -1.90 -20.39 -18.27
N ILE C 245 -0.95 -21.29 -18.04
CA ILE C 245 0.31 -21.29 -18.78
C ILE C 245 0.07 -21.44 -20.27
N LEU C 249 7.79 -25.32 -18.50
CA LEU C 249 8.20 -26.10 -17.33
C LEU C 249 9.15 -27.22 -17.73
N ASP C 250 10.33 -26.84 -18.23
CA ASP C 250 11.30 -27.82 -18.70
C ASP C 250 12.04 -28.42 -17.49
N SER C 251 13.15 -29.11 -17.76
CA SER C 251 13.86 -29.82 -16.70
C SER C 251 14.44 -28.89 -15.65
N LYS C 252 14.92 -27.71 -16.06
CA LYS C 252 15.61 -26.80 -15.16
C LYS C 252 14.66 -25.87 -14.40
N THR C 253 13.35 -25.98 -14.63
CA THR C 253 12.37 -25.14 -13.95
C THR C 253 11.32 -26.02 -13.30
N PHE C 254 10.89 -25.65 -12.10
CA PHE C 254 9.88 -26.41 -11.39
C PHE C 254 8.81 -25.46 -10.86
N LEU C 255 7.72 -26.06 -10.38
CA LEU C 255 6.60 -25.33 -9.81
C LEU C 255 6.48 -25.68 -8.33
N SER C 256 5.97 -24.73 -7.55
CA SER C 256 5.73 -24.97 -6.13
C SER C 256 4.58 -24.07 -5.69
N ARG C 257 3.95 -24.46 -4.59
CA ARG C 257 2.88 -23.67 -4.00
C ARG C 257 3.16 -23.46 -2.52
N HIS C 258 2.94 -22.24 -2.05
CA HIS C 258 3.15 -21.90 -0.65
C HIS C 258 1.85 -21.41 -0.03
N SER C 259 1.80 -21.40 1.29
CA SER C 259 0.66 -20.88 2.01
C SER C 259 0.79 -19.37 2.15
N LEU C 260 -0.17 -18.76 2.86
CA LEU C 260 -0.16 -17.32 3.04
C LEU C 260 1.08 -16.85 3.78
N ASP C 261 1.50 -17.57 4.81
CA ASP C 261 2.66 -17.21 5.60
C ASP C 261 3.98 -17.60 4.94
N MET C 262 3.95 -17.87 3.65
CA MET C 262 5.16 -18.06 2.83
C MET C 262 5.98 -19.26 3.30
N LYS C 263 5.32 -20.36 3.65
CA LYS C 263 6.00 -21.62 3.90
C LYS C 263 5.61 -22.64 2.84
N PHE C 264 6.54 -23.53 2.52
CA PHE C 264 6.32 -24.52 1.49
C PHE C 264 5.10 -25.37 1.83
N SER C 265 4.24 -25.61 0.83
CA SER C 265 3.06 -26.43 1.00
C SER C 265 2.89 -27.48 -0.07
N TYR C 266 3.71 -27.45 -1.12
CA TYR C 266 3.69 -28.42 -2.22
C TYR C 266 4.87 -28.10 -3.12
N CYS C 267 5.38 -29.12 -3.79
CA CYS C 267 6.53 -28.92 -4.65
C CYS C 267 6.47 -29.88 -5.83
N ASP C 268 7.19 -29.54 -6.89
CA ASP C 268 7.29 -30.38 -8.06
C ASP C 268 8.30 -31.50 -7.84
N GLU C 269 8.14 -32.58 -8.58
CA GLU C 269 9.03 -33.74 -8.48
C GLU C 269 10.42 -33.47 -9.05
N ARG C 270 10.61 -32.37 -9.78
CA ARG C 270 11.90 -32.09 -10.37
C ARG C 270 12.89 -31.44 -9.39
N ILE C 271 12.45 -31.15 -8.17
CA ILE C 271 13.32 -30.47 -7.22
C ILE C 271 14.50 -31.34 -6.80
N THR C 272 14.29 -32.66 -6.67
CA THR C 272 15.29 -33.52 -6.08
C THR C 272 16.58 -33.55 -6.91
N GLU C 273 16.45 -33.66 -8.23
CA GLU C 273 17.65 -33.74 -9.07
C GLU C 273 18.41 -32.43 -9.12
N LEU C 274 17.74 -31.30 -8.87
CA LEU C 274 18.40 -30.00 -8.94
C LEU C 274 19.33 -29.79 -7.76
N MET C 275 18.84 -30.07 -6.54
CA MET C 275 19.58 -29.76 -5.33
C MET C 275 19.62 -30.88 -4.30
N GLY C 276 18.78 -31.91 -4.42
CA GLY C 276 18.74 -32.99 -3.46
C GLY C 276 17.63 -32.91 -2.43
N TYR C 277 16.75 -31.93 -2.54
CA TYR C 277 15.67 -31.80 -1.56
C TYR C 277 14.60 -32.87 -1.79
N GLU C 278 14.11 -33.43 -0.68
CA GLU C 278 12.96 -34.32 -0.73
C GLU C 278 11.70 -33.53 -0.40
N PRO C 279 10.70 -33.50 -1.28
CA PRO C 279 9.52 -32.67 -1.02
C PRO C 279 8.70 -33.12 0.18
N GLU C 280 9.06 -34.24 0.82
CA GLU C 280 8.25 -34.76 1.92
C GLU C 280 8.33 -33.90 3.17
N GLU C 281 9.53 -33.49 3.58
CA GLU C 281 9.65 -32.70 4.80
C GLU C 281 9.58 -31.20 4.55
N LEU C 282 9.44 -30.78 3.29
CA LEU C 282 9.37 -29.36 2.98
C LEU C 282 8.09 -28.72 3.50
N LEU C 283 6.98 -29.47 3.48
CA LEU C 283 5.70 -28.91 3.89
C LEU C 283 5.77 -28.46 5.34
N GLY C 284 5.31 -27.24 5.59
CA GLY C 284 5.30 -26.67 6.91
C GLY C 284 6.50 -25.82 7.28
N ARG C 285 7.61 -25.97 6.56
CA ARG C 285 8.79 -25.16 6.81
C ARG C 285 8.75 -23.87 6.00
N SER C 286 9.10 -22.77 6.64
CA SER C 286 9.17 -21.49 5.95
C SER C 286 10.29 -21.52 4.92
N ILE C 287 10.11 -20.72 3.85
CA ILE C 287 11.12 -20.68 2.81
C ILE C 287 12.29 -19.80 3.23
N TYR C 288 12.05 -18.81 4.09
CA TYR C 288 13.06 -17.80 4.39
C TYR C 288 14.33 -18.39 4.98
N GLU C 289 14.25 -19.59 5.57
CA GLU C 289 15.47 -20.25 6.02
C GLU C 289 16.36 -20.62 4.84
N TYR C 290 15.77 -21.04 3.72
CA TYR C 290 16.55 -21.48 2.57
C TYR C 290 17.16 -20.34 1.77
N TYR C 291 16.69 -19.11 1.96
CA TYR C 291 17.28 -17.98 1.25
C TYR C 291 18.68 -17.68 1.78
N HIS C 292 19.53 -17.19 0.89
CA HIS C 292 20.84 -16.73 1.31
C HIS C 292 20.69 -15.50 2.19
N ALA C 293 21.66 -15.29 3.07
CA ALA C 293 21.57 -14.15 3.99
C ALA C 293 21.76 -12.83 3.27
N LEU C 294 22.58 -12.80 2.21
CA LEU C 294 22.83 -11.55 1.51
C LEU C 294 21.58 -11.04 0.79
N ASP C 295 20.81 -11.95 0.17
CA ASP C 295 19.66 -11.57 -0.63
C ASP C 295 18.36 -11.60 0.16
N SER C 296 18.41 -11.37 1.48
CA SER C 296 17.19 -11.39 2.27
C SER C 296 16.40 -10.10 2.10
N ASP C 297 17.08 -8.96 2.01
CA ASP C 297 16.37 -7.68 1.93
C ASP C 297 15.72 -7.48 0.57
N HIS C 298 16.45 -7.81 -0.50
CA HIS C 298 15.88 -7.71 -1.84
C HIS C 298 14.68 -8.63 -2.01
N LEU C 299 14.80 -9.87 -1.51
CA LEU C 299 13.68 -10.80 -1.57
C LEU C 299 12.52 -10.35 -0.69
N THR C 300 12.81 -9.72 0.45
CA THR C 300 11.73 -9.20 1.29
C THR C 300 10.97 -8.09 0.58
N LYS C 301 11.70 -7.17 -0.06
CA LYS C 301 11.03 -6.12 -0.82
C LYS C 301 10.19 -6.71 -1.94
N THR C 302 10.73 -7.70 -2.66
CA THR C 302 9.98 -8.28 -3.77
C THR C 302 8.75 -9.05 -3.27
N HIS C 303 8.86 -9.75 -2.15
CA HIS C 303 7.69 -10.44 -1.60
C HIS C 303 6.65 -9.45 -1.11
N HIS C 304 7.07 -8.32 -0.55
CA HIS C 304 6.11 -7.29 -0.18
C HIS C 304 5.41 -6.72 -1.41
N ASP C 305 6.15 -6.55 -2.51
CA ASP C 305 5.53 -6.15 -3.76
C ASP C 305 4.53 -7.20 -4.24
N MET C 306 4.87 -8.47 -4.05
CA MET C 306 3.94 -9.55 -4.39
C MET C 306 2.64 -9.41 -3.61
N PHE C 307 2.76 -9.18 -2.30
CA PHE C 307 1.58 -9.03 -1.47
C PHE C 307 0.75 -7.82 -1.89
N THR C 308 1.41 -6.70 -2.18
CA THR C 308 0.69 -5.47 -2.48
C THR C 308 0.00 -5.53 -3.84
N LYS C 309 0.73 -5.95 -4.88
CA LYS C 309 0.26 -5.83 -6.25
C LYS C 309 -0.33 -7.11 -6.80
N GLY C 310 0.11 -8.28 -6.32
CA GLY C 310 -0.48 -9.53 -6.76
C GLY C 310 0.47 -10.48 -7.44
N GLN C 311 1.35 -9.96 -8.29
CA GLN C 311 2.27 -10.79 -9.06
C GLN C 311 3.59 -10.06 -9.22
N VAL C 312 4.70 -10.76 -8.95
CA VAL C 312 6.03 -10.19 -9.13
C VAL C 312 6.93 -11.23 -9.80
N THR C 313 8.02 -10.74 -10.37
CA THR C 313 9.08 -11.58 -10.91
C THR C 313 10.36 -11.19 -10.17
N THR C 314 10.71 -11.99 -9.16
CA THR C 314 11.84 -11.67 -8.30
C THR C 314 13.15 -11.72 -9.09
N GLY C 315 14.05 -10.81 -8.77
CA GLY C 315 15.37 -10.83 -9.34
C GLY C 315 16.14 -12.05 -8.87
N GLN C 316 17.28 -12.27 -9.52
CA GLN C 316 18.10 -13.44 -9.20
C GLN C 316 18.54 -13.42 -7.76
N TYR C 317 18.39 -14.55 -7.08
CA TYR C 317 18.80 -14.67 -5.69
C TYR C 317 19.41 -16.05 -5.48
N ARG C 318 20.04 -16.22 -4.32
CA ARG C 318 20.67 -17.47 -3.95
C ARG C 318 19.79 -18.19 -2.93
N MET C 319 19.46 -19.45 -3.20
CA MET C 319 18.68 -20.25 -2.29
C MET C 319 19.41 -21.57 -2.05
N LEU C 320 19.60 -21.93 -0.79
CA LEU C 320 20.55 -22.95 -0.40
C LEU C 320 20.06 -24.35 -0.77
N ALA C 321 21.00 -25.21 -1.13
CA ALA C 321 20.70 -26.62 -1.38
C ALA C 321 20.79 -27.40 -0.07
N LYS C 322 20.82 -28.71 -0.15
CA LYS C 322 20.85 -29.56 1.04
C LYS C 322 22.27 -29.90 1.48
N ARG C 323 23.12 -30.32 0.54
CA ARG C 323 24.47 -30.74 0.88
C ARG C 323 25.51 -29.65 0.71
N GLY C 324 25.10 -28.42 0.40
CA GLY C 324 26.03 -27.32 0.28
C GLY C 324 25.78 -26.41 -0.90
N GLY C 325 26.52 -25.32 -0.98
CA GLY C 325 26.46 -24.45 -2.14
C GLY C 325 25.16 -23.65 -2.23
N TYR C 326 24.90 -23.15 -3.43
CA TYR C 326 23.73 -22.34 -3.70
C TYR C 326 23.41 -22.41 -5.18
N VAL C 327 22.15 -22.09 -5.52
CA VAL C 327 21.69 -22.04 -6.90
C VAL C 327 20.95 -20.74 -7.12
N TRP C 328 21.25 -20.06 -8.23
CA TRP C 328 20.57 -18.82 -8.58
C TRP C 328 19.16 -19.15 -9.06
N VAL C 329 18.16 -18.55 -8.45
CA VAL C 329 16.76 -18.90 -8.70
C VAL C 329 15.94 -17.63 -8.85
N GLU C 330 15.21 -17.52 -9.95
CA GLU C 330 14.29 -16.40 -10.19
C GLU C 330 12.86 -16.88 -10.06
N THR C 331 12.06 -16.16 -9.29
CA THR C 331 10.73 -16.60 -8.91
C THR C 331 9.68 -15.65 -9.48
N GLN C 332 8.64 -16.21 -10.12
CA GLN C 332 7.49 -15.44 -10.56
C GLN C 332 6.30 -15.83 -9.70
N ALA C 333 6.19 -15.22 -8.53
CA ALA C 333 5.13 -15.54 -7.59
C ALA C 333 3.80 -15.06 -8.13
N THR C 334 2.71 -15.69 -7.67
CA THR C 334 1.37 -15.36 -8.14
C THR C 334 0.37 -15.70 -7.05
N VAL C 335 -0.29 -14.67 -6.51
CA VAL C 335 -1.30 -14.89 -5.48
C VAL C 335 -2.56 -15.45 -6.14
N ILE C 336 -3.26 -16.32 -5.41
CA ILE C 336 -4.50 -16.93 -5.89
C ILE C 336 -5.64 -16.44 -5.00
N TYR C 337 -6.71 -15.95 -5.61
CA TYR C 337 -7.90 -15.50 -4.91
C TYR C 337 -9.04 -16.45 -5.21
N ASN C 338 -9.87 -16.73 -4.20
CA ASN C 338 -11.06 -17.53 -4.41
C ASN C 338 -12.12 -16.71 -5.14
N THR C 339 -12.89 -17.39 -6.00
CA THR C 339 -13.98 -16.74 -6.71
C THR C 339 -15.16 -16.40 -5.81
N LYS C 340 -15.16 -16.89 -4.56
CA LYS C 340 -16.27 -16.68 -3.65
C LYS C 340 -16.01 -15.62 -2.58
N ASN C 341 -14.77 -15.54 -2.08
CA ASN C 341 -14.47 -14.64 -0.97
C ASN C 341 -13.67 -13.40 -1.36
N SER C 342 -12.93 -13.46 -2.47
CA SER C 342 -12.03 -12.38 -2.90
C SER C 342 -10.95 -12.09 -1.85
N GLN C 343 -10.59 -13.10 -1.04
CA GLN C 343 -9.53 -13.07 -0.05
C GLN C 343 -8.38 -13.98 -0.49
N PRO C 344 -7.14 -13.63 -0.17
CA PRO C 344 -6.00 -14.46 -0.59
C PRO C 344 -6.09 -15.87 -0.02
N GLN C 345 -5.71 -16.84 -0.84
CA GLN C 345 -5.75 -18.25 -0.44
C GLN C 345 -4.36 -18.88 -0.41
N CYS C 346 -3.64 -18.83 -1.53
CA CYS C 346 -2.33 -19.48 -1.59
C CYS C 346 -1.48 -18.75 -2.62
N ILE C 347 -0.18 -18.98 -2.53
CA ILE C 347 0.80 -18.34 -3.39
C ILE C 347 1.46 -19.42 -4.24
N VAL C 348 1.46 -19.23 -5.55
CA VAL C 348 2.06 -20.14 -6.49
C VAL C 348 3.31 -19.49 -7.06
N CYS C 349 4.45 -20.18 -6.96
CA CYS C 349 5.72 -19.65 -7.41
C CYS C 349 6.35 -20.61 -8.41
N VAL C 350 6.67 -20.11 -9.59
CA VAL C 350 7.31 -20.90 -10.63
C VAL C 350 8.80 -20.55 -10.57
N ASN C 351 9.55 -21.25 -9.73
CA ASN C 351 10.94 -20.93 -9.49
C ASN C 351 11.78 -21.40 -10.67
N TYR C 352 12.50 -20.48 -11.31
CA TYR C 352 13.37 -20.80 -12.43
C TYR C 352 14.80 -20.98 -11.91
N VAL C 353 15.29 -22.22 -11.97
CA VAL C 353 16.67 -22.51 -11.62
C VAL C 353 17.52 -22.32 -12.87
N VAL C 354 18.49 -21.41 -12.81
CA VAL C 354 19.29 -21.07 -13.97
C VAL C 354 20.65 -21.75 -13.91
N SER C 355 21.21 -21.87 -12.71
CA SER C 355 22.55 -22.40 -12.55
C SER C 355 22.54 -23.58 -11.58
N GLY C 356 23.55 -24.42 -11.71
CA GLY C 356 23.73 -25.53 -10.80
C GLY C 356 24.41 -25.09 -9.52
N ILE C 357 24.79 -26.08 -8.71
CA ILE C 357 25.41 -25.81 -7.42
C ILE C 357 26.83 -25.32 -7.63
N ILE C 358 27.17 -24.21 -6.97
CA ILE C 358 28.51 -23.65 -6.99
C ILE C 358 29.10 -23.77 -5.60
N GLN C 359 30.36 -24.20 -5.51
CA GLN C 359 31.06 -24.37 -4.25
C GLN C 359 30.31 -25.37 -3.35
N HIS C 360 30.23 -26.61 -3.83
CA HIS C 360 29.52 -27.65 -3.10
C HIS C 360 30.19 -27.98 -1.78
N ASP C 361 31.53 -27.96 -1.73
CA ASP C 361 32.26 -28.39 -0.54
C ASP C 361 32.00 -27.49 0.66
N LEU C 362 31.52 -26.27 0.44
CA LEU C 362 31.28 -25.33 1.53
C LEU C 362 29.89 -25.55 2.12
N ILE C 363 29.76 -25.27 3.41
CA ILE C 363 28.50 -25.38 4.12
C ILE C 363 28.11 -23.99 4.61
N PHE C 364 26.82 -23.75 4.72
CA PHE C 364 26.40 -22.38 5.00
C PHE C 364 25.44 -22.25 6.19
N SER C 365 24.51 -23.20 6.35
CA SER C 365 23.46 -23.05 7.35
C SER C 365 23.28 -24.35 8.12
N LEU C 366 22.55 -24.25 9.23
CA LEU C 366 22.32 -25.41 10.09
C LEU C 366 21.56 -26.50 9.35
N GLN C 367 20.61 -26.11 8.49
CA GLN C 367 19.88 -27.10 7.71
C GLN C 367 20.84 -27.90 6.84
N GLN C 368 21.79 -27.22 6.20
CA GLN C 368 22.77 -27.88 5.35
C GLN C 368 23.65 -28.85 6.14
N THR C 369 23.75 -28.66 7.46
CA THR C 369 24.54 -29.58 8.28
C THR C 369 23.82 -30.91 8.47
N GLU C 370 22.51 -30.94 8.24
CA GLU C 370 21.72 -32.14 8.46
C GLU C 370 21.18 -32.70 7.14
N GLU D 7 -20.68 21.47 -15.03
CA GLU D 7 -19.25 21.47 -14.73
C GLU D 7 -18.51 20.51 -15.66
N ILE D 8 -19.20 19.45 -16.08
CA ILE D 8 -18.61 18.50 -17.00
C ILE D 8 -18.27 19.18 -18.33
N GLU D 9 -19.20 20.01 -18.83
CA GLU D 9 -18.91 20.77 -20.05
C GLU D 9 -17.78 21.77 -19.80
N ARG D 10 -17.73 22.36 -18.61
CA ARG D 10 -16.67 23.31 -18.29
C ARG D 10 -15.30 22.64 -18.34
N ARG D 11 -15.19 21.42 -17.80
CA ARG D 11 -13.91 20.74 -17.79
C ARG D 11 -13.48 20.33 -19.19
N ARG D 12 -14.43 20.15 -20.11
CA ARG D 12 -14.07 19.84 -21.49
C ARG D 12 -13.40 21.03 -22.17
N ARG D 13 -14.00 22.22 -22.05
CA ARG D 13 -13.39 23.40 -22.63
C ARG D 13 -12.09 23.76 -21.93
N ASN D 14 -12.00 23.54 -20.62
CA ASN D 14 -10.73 23.73 -19.93
C ASN D 14 -9.68 22.77 -20.48
N LYS D 15 -10.06 21.52 -20.72
CA LYS D 15 -9.16 20.59 -21.39
C LYS D 15 -8.88 21.04 -22.83
N MET D 16 -9.90 21.51 -23.54
CA MET D 16 -9.72 21.95 -24.91
C MET D 16 -8.79 23.17 -24.99
N THR D 17 -9.00 24.15 -24.11
CA THR D 17 -8.13 25.33 -24.11
C THR D 17 -6.70 24.95 -23.74
N ALA D 18 -6.54 24.04 -22.79
CA ALA D 18 -5.19 23.56 -22.46
C ALA D 18 -4.54 22.87 -23.65
N TYR D 19 -5.32 22.06 -24.38
CA TYR D 19 -4.80 21.44 -25.59
C TYR D 19 -4.48 22.49 -26.64
N ILE D 20 -5.31 23.52 -26.75
CA ILE D 20 -5.03 24.63 -27.67
C ILE D 20 -3.72 25.31 -27.27
N THR D 21 -3.55 25.55 -25.97
CA THR D 21 -2.29 26.13 -25.48
C THR D 21 -1.12 25.20 -25.74
N GLU D 22 -1.33 23.89 -25.55
CA GLU D 22 -0.24 22.94 -25.74
C GLU D 22 0.26 22.93 -27.18
N LEU D 23 -0.65 22.93 -28.15
CA LEU D 23 -0.24 22.94 -29.55
C LEU D 23 0.41 24.25 -29.95
N SER D 24 0.16 25.33 -29.20
CA SER D 24 0.77 26.62 -29.51
C SER D 24 2.28 26.58 -29.37
N ASP D 25 2.77 25.90 -28.34
CA ASP D 25 4.20 25.90 -28.07
C ASP D 25 4.98 24.99 -29.02
N MET D 26 4.40 23.86 -29.40
CA MET D 26 5.16 22.84 -30.11
C MET D 26 5.36 23.13 -31.58
N VAL D 27 4.58 24.02 -32.17
CA VAL D 27 4.75 24.33 -33.59
C VAL D 27 6.03 25.15 -33.76
N PRO D 28 6.87 24.83 -34.74
CA PRO D 28 8.10 25.62 -34.94
C PRO D 28 7.84 27.10 -35.17
N THR D 29 6.76 27.44 -35.87
CA THR D 29 6.43 28.83 -36.12
C THR D 29 5.29 29.29 -35.22
N PRO D 37 -2.71 33.45 -30.62
CA PRO D 37 -3.50 34.04 -31.72
C PRO D 37 -4.89 33.43 -31.85
N ASP D 38 -5.48 33.54 -33.04
CA ASP D 38 -6.77 32.95 -33.33
C ASP D 38 -6.67 31.43 -33.34
N LYS D 39 -7.72 30.77 -32.85
CA LYS D 39 -7.75 29.31 -32.86
C LYS D 39 -7.75 28.77 -34.29
N LEU D 40 -8.51 29.41 -35.19
CA LEU D 40 -8.56 28.93 -36.56
C LEU D 40 -7.18 29.04 -37.22
N THR D 41 -6.48 30.14 -36.99
CA THR D 41 -5.14 30.29 -37.58
C THR D 41 -4.13 29.36 -36.92
N ILE D 42 -4.27 29.09 -35.62
CA ILE D 42 -3.33 28.17 -34.98
C ILE D 42 -3.52 26.76 -35.50
N LEU D 43 -4.77 26.37 -35.74
CA LEU D 43 -5.03 25.07 -36.37
C LEU D 43 -4.55 25.06 -37.81
N ARG D 44 -4.68 26.19 -38.52
CA ARG D 44 -4.18 26.26 -39.89
C ARG D 44 -2.67 26.11 -39.94
N MET D 45 -1.97 26.74 -38.99
CA MET D 45 -0.51 26.56 -38.90
C MET D 45 -0.17 25.11 -38.58
N ALA D 46 -0.94 24.48 -37.68
CA ALA D 46 -0.69 23.09 -37.33
C ALA D 46 -0.85 22.19 -38.56
N VAL D 47 -1.90 22.41 -39.34
CA VAL D 47 -2.13 21.54 -40.49
C VAL D 47 -1.17 21.87 -41.63
N SER D 48 -0.71 23.12 -41.72
CA SER D 48 0.33 23.46 -42.69
C SER D 48 1.62 22.75 -42.36
N HIS D 49 1.97 22.71 -41.06
CA HIS D 49 3.13 21.93 -40.64
C HIS D 49 2.93 20.45 -40.92
N MET D 50 1.70 19.96 -40.72
CA MET D 50 1.38 18.58 -41.04
C MET D 50 1.63 18.28 -42.51
N LYS D 51 1.19 19.18 -43.39
CA LYS D 51 1.46 19.00 -44.82
C LYS D 51 2.96 19.03 -45.09
N SER D 52 3.69 19.96 -44.45
CA SER D 52 5.13 19.96 -44.55
C SER D 52 5.74 18.71 -43.91
N LEU D 53 5.20 18.28 -42.78
CA LEU D 53 5.67 17.07 -42.11
C LEU D 53 4.94 15.84 -42.67
N PRO D 67 -0.16 3.27 -41.96
CA PRO D 67 -0.58 4.34 -41.05
C PRO D 67 -0.14 4.07 -39.61
N SER D 68 1.11 4.42 -39.28
CA SER D 68 1.65 4.20 -37.96
C SER D 68 2.34 5.47 -37.47
N PHE D 69 2.36 5.64 -36.14
CA PHE D 69 3.00 6.81 -35.56
C PHE D 69 4.51 6.76 -35.71
N LEU D 70 5.08 5.56 -35.81
CA LEU D 70 6.52 5.38 -35.95
C LEU D 70 6.82 4.45 -37.11
N THR D 71 7.98 4.65 -37.72
CA THR D 71 8.46 3.74 -38.75
C THR D 71 9.17 2.54 -38.10
N ASP D 72 9.66 1.63 -38.95
CA ASP D 72 10.36 0.46 -38.44
C ASP D 72 11.62 0.86 -37.69
N GLN D 73 12.43 1.75 -38.28
CA GLN D 73 13.69 2.14 -37.66
C GLN D 73 13.46 2.92 -36.36
N GLU D 74 12.44 3.78 -36.34
CA GLU D 74 12.16 4.53 -35.11
C GLU D 74 11.76 3.58 -33.98
N LEU D 75 10.91 2.60 -34.27
CA LEU D 75 10.52 1.64 -33.25
C LEU D 75 11.70 0.79 -32.81
N LYS D 76 12.59 0.43 -33.74
CA LYS D 76 13.79 -0.31 -33.37
C LYS D 76 14.68 0.51 -32.45
N HIS D 77 14.82 1.80 -32.75
CA HIS D 77 15.62 2.69 -31.88
C HIS D 77 14.99 2.79 -30.51
N LEU D 78 13.66 2.90 -30.43
CA LEU D 78 12.99 2.94 -29.13
C LEU D 78 13.20 1.65 -28.35
N ILE D 79 13.12 0.51 -29.03
CA ILE D 79 13.36 -0.77 -28.35
C ILE D 79 14.78 -0.85 -27.84
N LEU D 80 15.75 -0.41 -28.65
CA LEU D 80 17.15 -0.46 -28.22
C LEU D 80 17.39 0.47 -27.04
N GLU D 81 16.77 1.65 -27.04
CA GLU D 81 16.95 2.58 -25.93
C GLU D 81 16.27 2.07 -24.66
N ALA D 82 15.11 1.44 -24.80
CA ALA D 82 14.35 1.03 -23.63
C ALA D 82 15.05 -0.07 -22.84
N ALA D 83 15.61 -1.06 -23.52
CA ALA D 83 16.34 -2.14 -22.88
C ALA D 83 17.67 -2.36 -23.58
N ASP D 84 18.70 -2.67 -22.80
CA ASP D 84 20.02 -2.97 -23.34
C ASP D 84 20.01 -4.39 -23.89
N GLY D 85 19.29 -4.56 -25.00
CA GLY D 85 19.08 -5.85 -25.60
C GLY D 85 19.43 -5.86 -27.07
N PHE D 86 19.46 -7.06 -27.64
CA PHE D 86 19.85 -7.26 -29.02
C PHE D 86 18.93 -8.28 -29.67
N LEU D 87 18.95 -8.31 -31.00
CA LEU D 87 18.13 -9.23 -31.78
C LEU D 87 19.00 -10.30 -32.40
N PHE D 88 18.58 -11.56 -32.24
CA PHE D 88 19.28 -12.70 -32.82
C PHE D 88 18.26 -13.73 -33.29
N ILE D 89 18.62 -14.46 -34.34
CA ILE D 89 17.77 -15.52 -34.88
C ILE D 89 18.62 -16.76 -35.08
N VAL D 90 18.13 -17.91 -34.63
CA VAL D 90 18.81 -19.19 -34.78
C VAL D 90 17.79 -20.23 -35.23
N SER D 91 18.14 -20.99 -36.25
CA SER D 91 17.24 -22.03 -36.75
C SER D 91 17.05 -23.13 -35.72
N CYS D 92 15.81 -23.58 -35.56
CA CYS D 92 15.52 -24.62 -34.59
C CYS D 92 15.92 -26.01 -35.10
N GLU D 93 15.98 -26.21 -36.41
CA GLU D 93 16.29 -27.52 -36.96
C GLU D 93 17.70 -27.96 -36.60
N THR D 94 18.68 -27.06 -36.73
CA THR D 94 20.07 -27.39 -36.49
C THR D 94 20.73 -26.59 -35.38
N GLY D 95 20.18 -25.44 -34.99
CA GLY D 95 20.80 -24.60 -34.00
C GLY D 95 21.89 -23.69 -34.52
N ARG D 96 22.14 -23.68 -35.83
CA ARG D 96 23.15 -22.81 -36.40
C ARG D 96 22.69 -21.37 -36.39
N VAL D 97 23.63 -20.45 -36.20
CA VAL D 97 23.32 -19.03 -36.17
C VAL D 97 23.16 -18.53 -37.61
N VAL D 98 22.05 -17.84 -37.86
CA VAL D 98 21.74 -17.32 -39.18
C VAL D 98 22.08 -15.85 -39.31
N TYR D 99 21.60 -15.03 -38.38
CA TYR D 99 21.85 -13.59 -38.44
C TYR D 99 21.73 -13.01 -37.04
N VAL D 100 22.62 -12.07 -36.72
CA VAL D 100 22.59 -11.36 -35.44
C VAL D 100 22.63 -9.86 -35.71
N SER D 101 22.08 -9.09 -34.78
CA SER D 101 22.05 -7.64 -34.91
C SER D 101 23.36 -7.02 -34.43
N ASP D 102 23.56 -5.77 -34.82
CA ASP D 102 24.75 -5.04 -34.39
C ASP D 102 24.68 -4.62 -32.93
N SER D 103 23.53 -4.79 -32.28
CA SER D 103 23.34 -4.39 -30.89
C SER D 103 23.86 -5.42 -29.91
N VAL D 104 24.39 -6.55 -30.38
CA VAL D 104 24.98 -7.54 -29.47
C VAL D 104 26.31 -7.04 -28.91
N THR D 105 27.07 -6.28 -29.70
CA THR D 105 28.38 -5.85 -29.24
C THR D 105 28.35 -4.92 -28.03
N PRO D 106 27.47 -3.90 -27.94
CA PRO D 106 27.49 -3.05 -26.74
C PRO D 106 27.10 -3.78 -25.47
N VAL D 107 26.42 -4.93 -25.56
CA VAL D 107 25.95 -5.66 -24.39
C VAL D 107 26.89 -6.81 -24.03
N LEU D 108 27.06 -7.76 -24.95
CA LEU D 108 27.86 -8.95 -24.69
C LEU D 108 29.34 -8.76 -25.02
N ASN D 109 29.72 -7.61 -25.58
CA ASN D 109 31.10 -7.33 -25.95
C ASN D 109 31.68 -8.39 -26.88
N GLN D 110 30.86 -8.87 -27.80
CA GLN D 110 31.25 -9.88 -28.76
C GLN D 110 30.89 -9.42 -30.17
N PRO D 111 31.64 -9.85 -31.18
CA PRO D 111 31.39 -9.40 -32.55
C PRO D 111 30.43 -10.31 -33.30
N GLN D 112 29.96 -9.80 -34.44
CA GLN D 112 29.02 -10.55 -35.26
C GLN D 112 29.72 -11.66 -36.05
N SER D 113 30.98 -11.43 -36.43
CA SER D 113 31.70 -12.41 -37.25
C SER D 113 31.84 -13.75 -36.54
N GLU D 114 32.15 -13.72 -35.24
CA GLU D 114 32.25 -14.96 -34.48
C GLU D 114 30.91 -15.67 -34.40
N TRP D 115 29.81 -14.93 -34.25
CA TRP D 115 28.50 -15.55 -34.22
C TRP D 115 28.11 -16.11 -35.58
N PHE D 116 28.45 -15.41 -36.65
CA PHE D 116 28.16 -15.90 -38.00
C PHE D 116 28.96 -17.15 -38.29
N GLY D 117 28.28 -18.15 -38.88
CA GLY D 117 28.90 -19.42 -39.19
C GLY D 117 28.98 -20.39 -38.04
N SER D 118 28.46 -20.04 -36.87
CA SER D 118 28.50 -20.89 -35.68
C SER D 118 27.08 -21.27 -35.28
N THR D 119 26.98 -21.96 -34.15
CA THR D 119 25.70 -22.36 -33.58
C THR D 119 25.43 -21.61 -32.29
N LEU D 120 24.25 -21.85 -31.72
CA LEU D 120 23.91 -21.24 -30.44
C LEU D 120 24.42 -22.05 -29.26
N TYR D 121 24.66 -23.35 -29.46
CA TYR D 121 25.06 -24.21 -28.35
C TYR D 121 26.40 -23.78 -27.76
N ASP D 122 27.36 -23.46 -28.62
CA ASP D 122 28.70 -23.10 -28.14
C ASP D 122 28.79 -21.65 -27.67
N GLN D 123 27.75 -20.85 -27.89
CA GLN D 123 27.72 -19.46 -27.44
C GLN D 123 27.08 -19.29 -26.07
N VAL D 124 26.70 -20.39 -25.41
CA VAL D 124 26.03 -20.35 -24.12
C VAL D 124 26.81 -21.18 -23.12
N HIS D 125 26.35 -21.15 -21.87
CA HIS D 125 26.98 -21.92 -20.82
C HIS D 125 26.80 -23.42 -21.07
N PRO D 126 27.82 -24.23 -20.81
CA PRO D 126 27.68 -25.68 -21.05
C PRO D 126 26.56 -26.33 -20.26
N ASP D 127 26.29 -25.85 -19.04
CA ASP D 127 25.24 -26.44 -18.22
C ASP D 127 23.86 -26.22 -18.81
N ASP D 128 23.65 -25.11 -19.53
CA ASP D 128 22.35 -24.77 -20.10
C ASP D 128 22.20 -25.25 -21.54
N VAL D 129 23.15 -26.06 -22.02
CA VAL D 129 23.07 -26.58 -23.39
C VAL D 129 21.82 -27.43 -23.56
N ASP D 130 21.56 -28.32 -22.60
CA ASP D 130 20.38 -29.17 -22.68
C ASP D 130 19.11 -28.40 -22.34
N LYS D 131 19.22 -27.34 -21.53
CA LYS D 131 18.05 -26.55 -21.17
C LYS D 131 17.42 -25.90 -22.41
N LEU D 132 18.24 -25.34 -23.29
CA LEU D 132 17.72 -24.70 -24.49
C LEU D 132 17.23 -25.71 -25.52
N ARG D 133 17.68 -26.97 -25.44
CA ARG D 133 17.22 -27.99 -26.37
C ARG D 133 15.72 -28.22 -26.23
N GLU D 134 15.22 -28.25 -25.00
CA GLU D 134 13.78 -28.42 -24.78
C GLU D 134 13.00 -27.24 -25.37
N GLN D 135 13.50 -26.03 -25.19
CA GLN D 135 12.84 -24.83 -25.69
C GLN D 135 13.04 -24.68 -27.19
N SER D 173 10.53 -18.46 -24.56
CA SER D 173 10.63 -17.80 -23.26
C SER D 173 11.48 -18.64 -22.31
N PHE D 174 12.78 -18.35 -22.28
CA PHE D 174 13.70 -19.10 -21.42
C PHE D 174 14.81 -18.18 -20.95
N ILE D 175 15.50 -18.61 -19.91
CA ILE D 175 16.57 -17.84 -19.29
C ILE D 175 17.88 -18.61 -19.48
N CYS D 176 18.91 -17.91 -19.95
CA CYS D 176 20.21 -18.51 -20.20
C CYS D 176 21.30 -17.50 -19.87
N ARG D 177 22.51 -18.01 -19.67
CA ARG D 177 23.67 -17.17 -19.37
C ARG D 177 24.70 -17.30 -20.47
N MET D 178 25.15 -16.15 -20.99
CA MET D 178 26.22 -16.12 -21.96
C MET D 178 27.27 -15.09 -21.56
N PHE D 214 30.20 -15.31 -16.56
CA PHE D 214 29.04 -15.26 -17.43
C PHE D 214 28.02 -14.24 -16.96
N VAL D 215 27.18 -13.78 -17.88
CA VAL D 215 26.14 -12.80 -17.61
C VAL D 215 24.80 -13.40 -18.01
N VAL D 216 23.81 -13.29 -17.12
CA VAL D 216 22.49 -13.83 -17.40
C VAL D 216 21.85 -13.02 -18.52
N VAL D 217 21.28 -13.73 -19.50
CA VAL D 217 20.58 -13.11 -20.62
C VAL D 217 19.15 -13.61 -20.61
N HIS D 218 18.19 -12.67 -20.52
CA HIS D 218 16.78 -13.01 -20.52
C HIS D 218 16.28 -12.99 -21.95
N CYS D 219 16.04 -14.17 -22.53
CA CYS D 219 15.67 -14.31 -23.92
C CYS D 219 14.17 -14.52 -24.06
N THR D 220 13.55 -13.72 -24.92
CA THR D 220 12.13 -13.83 -25.21
C THR D 220 11.93 -13.79 -26.72
N GLY D 221 11.06 -14.67 -27.22
CA GLY D 221 10.81 -14.73 -28.65
C GLY D 221 9.79 -15.80 -28.96
N TYR D 222 9.44 -15.89 -30.24
CA TYR D 222 8.44 -16.83 -30.72
C TYR D 222 8.98 -17.59 -31.91
N ILE D 223 8.44 -18.78 -32.12
CA ILE D 223 8.86 -19.65 -33.21
C ILE D 223 8.19 -19.22 -34.52
N LEU D 248 13.68 -19.18 -35.82
CA LEU D 248 13.25 -18.65 -34.53
C LEU D 248 13.68 -17.21 -34.36
N VAL D 249 12.72 -16.32 -34.10
CA VAL D 249 12.99 -14.91 -33.86
C VAL D 249 12.92 -14.67 -32.35
N ALA D 250 13.96 -14.04 -31.80
CA ALA D 250 14.01 -13.80 -30.38
C ALA D 250 14.89 -12.58 -30.11
N ILE D 251 14.73 -12.01 -28.91
CA ILE D 251 15.49 -10.86 -28.46
C ILE D 251 16.19 -11.23 -27.16
N GLY D 252 17.51 -11.03 -27.12
CA GLY D 252 18.26 -11.27 -25.91
C GLY D 252 18.38 -10.01 -25.07
N ARG D 253 17.92 -10.07 -23.81
CA ARG D 253 17.91 -8.93 -22.91
C ARG D 253 18.75 -9.23 -21.69
N LEU D 254 19.44 -8.21 -21.19
CA LEU D 254 20.29 -8.36 -20.01
C LEU D 254 19.46 -8.27 -18.73
N PRO D 271 36.84 -7.23 1.82
CA PRO D 271 35.72 -7.68 2.66
C PRO D 271 36.00 -7.50 4.15
N THR D 272 35.69 -6.32 4.68
CA THR D 272 35.92 -6.01 6.08
C THR D 272 34.72 -6.37 6.96
N GLU D 273 33.62 -6.83 6.38
CA GLU D 273 32.42 -7.16 7.13
C GLU D 273 31.79 -8.42 6.54
N PHE D 274 31.11 -9.18 7.39
CA PHE D 274 30.43 -10.39 6.96
C PHE D 274 29.02 -10.39 7.51
N ILE D 275 28.12 -11.05 6.79
CA ILE D 275 26.73 -11.18 7.17
C ILE D 275 26.55 -12.47 7.96
N SER D 276 25.54 -12.49 8.82
CA SER D 276 25.28 -13.66 9.63
C SER D 276 23.83 -13.65 10.09
N ARG D 277 23.35 -14.81 10.53
CA ARG D 277 22.00 -14.97 11.02
C ARG D 277 22.02 -15.46 12.46
N HIS D 278 20.93 -15.21 13.18
CA HIS D 278 20.74 -15.75 14.51
C HIS D 278 19.27 -16.00 14.74
N ASN D 279 18.98 -16.89 15.70
CA ASN D 279 17.62 -17.07 16.17
C ASN D 279 17.37 -16.18 17.38
N ILE D 280 16.23 -16.38 18.04
CA ILE D 280 15.87 -15.53 19.17
C ILE D 280 16.88 -15.70 20.29
N GLU D 281 17.27 -16.93 20.59
CA GLU D 281 18.24 -17.18 21.65
C GLU D 281 19.66 -16.79 21.27
N GLY D 282 19.94 -16.61 19.99
CA GLY D 282 21.22 -16.12 19.56
C GLY D 282 22.21 -17.13 19.03
N ILE D 283 21.79 -18.38 18.82
CA ILE D 283 22.68 -19.38 18.23
C ILE D 283 22.90 -19.06 16.76
N PHE D 284 24.14 -19.21 16.31
CA PHE D 284 24.50 -18.98 14.91
C PHE D 284 23.73 -19.95 14.04
N THR D 285 22.82 -19.44 13.20
CA THR D 285 22.12 -20.26 12.24
C THR D 285 22.69 -20.16 10.83
N PHE D 286 23.49 -19.14 10.55
CA PHE D 286 24.06 -18.95 9.23
C PHE D 286 25.20 -17.96 9.31
N VAL D 287 26.31 -18.27 8.65
CA VAL D 287 27.39 -17.33 8.44
C VAL D 287 27.85 -17.44 7.00
N ASP D 288 27.99 -16.30 6.33
CA ASP D 288 28.48 -16.33 4.97
C ASP D 288 29.98 -16.65 4.96
N HIS D 289 30.49 -17.01 3.79
CA HIS D 289 31.89 -17.37 3.66
C HIS D 289 32.81 -16.17 3.87
N ARG D 290 32.26 -14.95 3.91
CA ARG D 290 33.08 -13.78 4.17
C ARG D 290 33.65 -13.77 5.57
N CYS D 291 33.06 -14.52 6.51
CA CYS D 291 33.56 -14.53 7.88
C CYS D 291 34.98 -15.07 7.96
N VAL D 292 35.41 -15.84 6.97
CA VAL D 292 36.81 -16.30 6.92
C VAL D 292 37.74 -15.09 6.78
N ALA D 293 37.36 -14.15 5.91
CA ALA D 293 38.20 -12.97 5.70
C ALA D 293 38.10 -11.98 6.86
N THR D 294 37.02 -12.05 7.65
CA THR D 294 36.84 -11.10 8.73
C THR D 294 37.43 -11.58 10.05
N VAL D 295 37.01 -12.74 10.53
CA VAL D 295 37.45 -13.26 11.82
C VAL D 295 38.40 -14.44 11.70
N GLY D 296 38.56 -15.00 10.51
CA GLY D 296 39.49 -16.11 10.31
C GLY D 296 38.88 -17.48 10.52
N TYR D 297 37.67 -17.57 11.03
CA TYR D 297 37.03 -18.86 11.25
C TYR D 297 36.34 -19.35 9.97
N GLN D 298 36.47 -20.65 9.70
CA GLN D 298 35.63 -21.28 8.71
C GLN D 298 34.20 -21.36 9.24
N PRO D 299 33.21 -21.42 8.36
CA PRO D 299 31.82 -21.43 8.83
C PRO D 299 31.50 -22.59 9.76
N GLN D 300 32.12 -23.75 9.57
CA GLN D 300 31.78 -24.92 10.37
C GLN D 300 32.09 -24.71 11.84
N GLU D 301 33.05 -23.85 12.16
CA GLU D 301 33.47 -23.62 13.54
C GLU D 301 32.61 -22.59 14.26
N LEU D 302 31.63 -22.00 13.59
CA LEU D 302 30.73 -21.04 14.23
C LEU D 302 29.29 -21.51 14.33
N LEU D 303 28.85 -22.39 13.43
CA LEU D 303 27.48 -22.87 13.48
C LEU D 303 27.23 -23.68 14.75
N GLY D 304 26.04 -23.53 15.31
CA GLY D 304 25.62 -24.28 16.46
C GLY D 304 26.06 -23.70 17.80
N LYS D 305 27.00 -22.76 17.80
CA LYS D 305 27.49 -22.14 19.02
C LYS D 305 26.90 -20.74 19.14
N ASN D 306 26.27 -20.47 20.27
CA ASN D 306 25.65 -19.17 20.47
C ASN D 306 26.71 -18.07 20.51
N ILE D 307 26.30 -16.87 20.12
CA ILE D 307 27.23 -15.74 20.14
C ILE D 307 27.62 -15.38 21.56
N VAL D 308 26.70 -15.51 22.52
CA VAL D 308 27.01 -15.19 23.91
C VAL D 308 28.09 -16.12 24.44
N GLU D 309 27.98 -17.42 24.16
CA GLU D 309 29.04 -18.35 24.52
C GLU D 309 30.33 -18.00 23.79
N PHE D 310 30.22 -17.58 22.52
CA PHE D 310 31.36 -17.10 21.78
C PHE D 310 31.82 -15.71 22.21
N CYS D 311 30.97 -14.95 22.89
CA CYS D 311 31.32 -13.63 23.38
C CYS D 311 32.14 -13.74 24.66
N HIS D 312 32.76 -12.63 25.04
CA HIS D 312 33.58 -12.60 26.24
C HIS D 312 32.70 -12.72 27.48
N PRO D 313 33.16 -13.43 28.52
CA PRO D 313 32.37 -13.51 29.76
C PRO D 313 32.10 -12.16 30.39
N GLU D 314 33.00 -11.20 30.22
CA GLU D 314 32.76 -9.86 30.75
C GLU D 314 31.60 -9.17 30.05
N ASP D 315 31.46 -9.40 28.75
CA ASP D 315 30.45 -8.72 27.94
C ASP D 315 29.25 -9.61 27.64
N GLN D 316 29.09 -10.73 28.35
CA GLN D 316 27.99 -11.64 28.06
C GLN D 316 26.63 -10.99 28.28
N GLN D 317 26.51 -10.20 29.35
CA GLN D 317 25.22 -9.58 29.67
C GLN D 317 24.82 -8.56 28.63
N LEU D 318 25.79 -7.81 28.08
CA LEU D 318 25.47 -6.76 27.11
C LEU D 318 24.88 -7.35 25.83
N LEU D 319 25.44 -8.46 25.35
CA LEU D 319 24.91 -9.07 24.13
C LEU D 319 23.50 -9.60 24.34
N ARG D 320 23.24 -10.22 25.49
CA ARG D 320 21.89 -10.68 25.80
C ARG D 320 20.92 -9.51 25.87
N ASP D 321 21.35 -8.41 26.49
CA ASP D 321 20.49 -7.22 26.55
C ASP D 321 20.20 -6.70 25.15
N SER D 322 21.22 -6.66 24.29
CA SER D 322 21.03 -6.17 22.93
C SER D 322 20.09 -7.08 22.14
N PHE D 323 20.21 -8.39 22.32
CA PHE D 323 19.32 -9.31 21.61
C PHE D 323 17.89 -9.18 22.09
N GLN D 324 17.68 -9.07 23.40
CA GLN D 324 16.33 -8.81 23.90
C GLN D 324 15.80 -7.49 23.36
N GLN D 325 16.68 -6.49 23.25
CA GLN D 325 16.29 -5.18 22.75
C GLN D 325 15.80 -5.27 21.31
N VAL D 326 16.56 -5.95 20.44
CA VAL D 326 16.15 -6.05 19.05
C VAL D 326 14.92 -6.91 18.92
N VAL D 327 14.75 -7.90 19.80
CA VAL D 327 13.53 -8.71 19.77
C VAL D 327 12.31 -7.84 20.07
N LYS D 328 12.40 -7.00 21.10
CA LYS D 328 11.20 -6.24 21.45
C LYS D 328 11.04 -4.97 20.61
N LEU D 329 12.07 -4.56 19.86
CA LEU D 329 11.93 -3.40 19.00
C LEU D 329 11.12 -3.70 17.74
N LYS D 330 11.10 -4.95 17.29
CA LYS D 330 10.30 -5.40 16.15
C LYS D 330 10.68 -4.66 14.86
N GLY D 331 11.92 -4.87 14.43
CA GLY D 331 12.34 -4.43 13.11
C GLY D 331 13.18 -3.16 13.07
N GLN D 332 13.56 -2.61 14.21
CA GLN D 332 14.40 -1.42 14.22
C GLN D 332 15.87 -1.84 14.21
N VAL D 333 16.63 -1.30 13.25
CA VAL D 333 18.04 -1.63 13.15
C VAL D 333 18.78 -1.08 14.37
N LEU D 334 19.62 -1.92 14.97
CA LEU D 334 20.32 -1.57 16.19
C LEU D 334 21.79 -1.94 16.06
N SER D 335 22.65 -1.15 16.69
CA SER D 335 24.09 -1.34 16.61
C SER D 335 24.68 -1.46 18.01
N VAL D 336 25.59 -2.43 18.17
CA VAL D 336 26.28 -2.67 19.43
C VAL D 336 27.73 -3.03 19.13
N MET D 337 28.65 -2.48 19.90
CA MET D 337 30.07 -2.77 19.77
C MET D 337 30.47 -3.74 20.88
N PHE D 338 31.22 -4.79 20.51
CA PHE D 338 31.69 -5.77 21.48
C PHE D 338 33.05 -6.28 21.01
N ARG D 339 33.58 -7.26 21.74
CA ARG D 339 34.85 -7.89 21.40
C ARG D 339 34.61 -9.30 20.88
N PHE D 340 35.33 -9.65 19.81
CA PHE D 340 35.16 -10.92 19.13
C PHE D 340 36.47 -11.71 19.22
N ARG D 341 36.36 -12.98 19.60
CA ARG D 341 37.52 -13.85 19.70
C ARG D 341 37.77 -14.50 18.35
N SER D 342 38.91 -14.20 17.74
CA SER D 342 39.25 -14.72 16.44
C SER D 342 39.72 -16.18 16.53
N LYS D 343 40.14 -16.73 15.40
CA LYS D 343 40.61 -18.11 15.37
C LYS D 343 41.88 -18.29 16.20
N ASN D 344 42.70 -17.24 16.30
CA ASN D 344 43.92 -17.28 17.08
C ASN D 344 43.75 -16.70 18.49
N GLN D 345 42.52 -16.74 19.02
CA GLN D 345 42.21 -16.49 20.43
C GLN D 345 42.61 -15.12 20.95
N GLU D 346 42.65 -14.10 20.11
CA GLU D 346 42.89 -12.75 20.59
C GLU D 346 41.65 -11.89 20.40
N TRP D 347 41.34 -11.09 21.42
CA TRP D 347 40.19 -10.21 21.37
C TRP D 347 40.39 -9.11 20.33
N LEU D 348 39.31 -8.77 19.62
CA LEU D 348 39.32 -7.72 18.62
C LEU D 348 37.96 -7.04 18.61
N TRP D 349 37.96 -5.74 18.37
CA TRP D 349 36.72 -4.97 18.40
C TRP D 349 35.80 -5.39 17.26
N MET D 350 34.50 -5.41 17.54
CA MET D 350 33.49 -5.80 16.56
C MET D 350 32.20 -5.05 16.86
N ARG D 351 31.57 -4.53 15.81
CA ARG D 351 30.32 -3.80 15.92
C ARG D 351 29.31 -4.38 14.96
N THR D 352 28.12 -4.70 15.48
CA THR D 352 27.12 -5.45 14.73
C THR D 352 25.87 -4.60 14.50
N SER D 353 25.10 -4.98 13.50
CA SER D 353 23.82 -4.33 13.18
C SER D 353 22.75 -5.41 13.03
N SER D 354 21.89 -5.52 14.05
CA SER D 354 20.92 -6.60 14.13
C SER D 354 19.50 -6.05 14.08
N PHE D 355 18.64 -6.73 13.34
CA PHE D 355 17.22 -6.39 13.29
C PHE D 355 16.43 -7.65 12.97
N THR D 356 15.35 -7.85 13.72
CA THR D 356 14.59 -9.10 13.61
C THR D 356 13.86 -9.16 12.27
N PHE D 357 13.97 -10.31 11.60
CA PHE D 357 13.23 -10.57 10.38
C PHE D 357 11.81 -10.97 10.74
N GLN D 358 10.88 -10.03 10.66
CA GLN D 358 9.47 -10.33 10.86
C GLN D 358 8.87 -10.85 9.56
N ASN D 359 7.91 -11.75 9.69
CA ASN D 359 7.23 -12.29 8.52
C ASN D 359 6.38 -11.19 7.89
N PRO D 360 6.45 -11.01 6.57
CA PRO D 360 5.67 -9.93 5.94
C PRO D 360 4.17 -10.11 6.10
N TYR D 361 3.70 -11.32 6.36
CA TYR D 361 2.27 -11.59 6.49
C TYR D 361 1.86 -11.83 7.95
N SER D 362 2.45 -12.82 8.61
CA SER D 362 2.05 -13.19 9.96
C SER D 362 2.89 -12.52 11.04
N ASP D 363 3.93 -11.76 10.65
CA ASP D 363 4.79 -11.02 11.57
C ASP D 363 5.53 -11.95 12.55
N GLU D 364 5.60 -13.25 12.26
CA GLU D 364 6.36 -14.16 13.08
C GLU D 364 7.86 -13.94 12.85
N ILE D 365 8.62 -13.95 13.93
CA ILE D 365 10.06 -13.71 13.83
C ILE D 365 10.71 -14.91 13.18
N GLU D 366 11.33 -14.70 12.02
CA GLU D 366 12.01 -15.77 11.31
C GLU D 366 13.44 -15.97 11.83
N TYR D 367 14.22 -14.90 11.88
CA TYR D 367 15.58 -14.95 12.41
C TYR D 367 16.05 -13.51 12.58
N ILE D 368 17.33 -13.36 12.91
CA ILE D 368 17.96 -12.06 13.10
C ILE D 368 19.15 -11.96 12.16
N ILE D 369 19.23 -10.87 11.40
CA ILE D 369 20.37 -10.62 10.51
C ILE D 369 21.31 -9.65 11.20
N CYS D 370 22.58 -10.04 11.30
CA CYS D 370 23.62 -9.21 11.92
C CYS D 370 24.68 -8.91 10.89
N THR D 371 25.09 -7.65 10.81
CA THR D 371 26.20 -7.22 9.95
C THR D 371 27.38 -6.89 10.85
N ASN D 372 28.36 -7.77 10.91
CA ASN D 372 29.51 -7.62 11.78
C ASN D 372 30.61 -6.91 11.00
N THR D 373 30.89 -5.66 11.36
CA THR D 373 31.83 -4.81 10.65
C THR D 373 33.15 -4.74 11.40
N ASN D 374 34.23 -5.13 10.74
CA ASN D 374 35.57 -5.05 11.33
C ASN D 374 36.34 -3.92 10.65
#